data_8T3X
#
_entry.id   8T3X
#
_cell.length_a   76.869
_cell.length_b   99.525
_cell.length_c   110.727
_cell.angle_alpha   90.000
_cell.angle_beta   90.000
_cell.angle_gamma   90.000
#
_symmetry.space_group_name_H-M   'P 21 21 21'
#
loop_
_entity.id
_entity.type
_entity.pdbx_description
1 polymer '10-92, TNA polymerase'
2 polymer Template
3 polymer Primer
4 non-polymer '[(3~{S},4~{R},5~{R})-5-(6-aminopurin-9-yl)-4-oxidanyl-oxolan-3-yl] [oxidanyl(phosphonooxy)phosphoryl] hydrogen phosphate'
5 non-polymer 'MAGNESIUM ION'
6 non-polymer '4-(2-HYDROXYETHYL)-1-PIPERAZINE ETHANESULFONIC ACID'
7 water water
#
loop_
_entity_poly.entity_id
_entity_poly.type
_entity_poly.pdbx_seq_one_letter_code
_entity_poly.pdbx_strand_id
1 'polypeptide(L)'
;MILDTDYITEDGKPVIRIFKKENGEFKIEYDRTFEPYFYALLKDDSAIEEVKKITAERHGTVVTVKRVEKVQKKFLGRPV
EVWKLYFTHPQDVPAIRDRIRAHPAVVDIYEYDIPFAKRYLIDKGLIPMEGDEELTMLAFAIATLYHEGEEFAEGPILMI
SYADEEGARVITWKNVDLPYVDVVSTEREMIKRFLRVVKEKDPDVLITYNGDNFDFAYLKKRCEKLGINFALGRDGSEPK
IQRMGDRFAVEVKGRIHFDLYPVIRRTINLPTYTLEAVYEAVFGKPKEKVYAEEIAQAWETGEGLERVARYSMEDAKVTY
ELGKEFLPMEAQLSRLVGHPLWDVSRSSTGNLVEWYLLRKAYERNELAPNKPDEREYERRLRESYAGGYVKEPEKGLWEN
IVYLDFRSLYPSIIITHNVSPDTLNREGCKEYDVAPQVGHRFCKDFPGFIPSLLGDLLEERQKIKRKMKATVDLLEKKLL
DYRQRRIKILASGYYGYYGYARARWYCKECAESVTAWGRQYIETTIREIEEKFGFKVLYADTDGFFAPIHGADAETVKKK
AKEFLDYINAKLPGLLELEYEGFYKRGFFVTKKKYAVIDEEDKITTGGLEIVRRGWSEIAKETQARVLEALLKDGDVEKA
VRIVKEVTEKLSKYEVPPEKLVIHEQITRDLRDYKATGPHVAVAKRLAARGVKIRPGTVISYIVLKGSGRIGDRAISFDE
FDPAKHKYDAEYYIENQVLPPVERILRACGYRKEDLRYQK
;
A
2 'polydeoxyribonucleotide' (DC)(DG)(DT)(DA)(DC)(DG)(DC)(DA)(DG)(DT)(DT)(DC)(DG)(DC)(DG) T
3 'polydeoxyribonucleotide' (DC)(DG)(DC)(DG)(DA)(DA)(DC)(DT)(DG)(DC)(DG)(YTI) P
#
loop_
_chem_comp.id
_chem_comp.type
_chem_comp.name
_chem_comp.formula
9O7 non-polymer '[(3~{S},4~{R},5~{R})-5-(6-aminopurin-9-yl)-4-oxidanyl-oxolan-3-yl] [oxidanyl(phosphonooxy)phosphoryl] hydrogen phosphate' 'C9 H14 N5 O12 P3'
DA DNA linking 2'-DEOXYADENOSINE-5'-MONOPHOSPHATE 'C10 H14 N5 O6 P'
DC DNA linking 2'-DEOXYCYTIDINE-5'-MONOPHOSPHATE 'C9 H14 N3 O7 P'
DG DNA linking 2'-DEOXYGUANOSINE-5'-MONOPHOSPHATE 'C10 H14 N5 O7 P'
DT DNA linking THYMIDINE-5'-MONOPHOSPHATE 'C10 H15 N2 O8 P'
EPE non-polymer '4-(2-HYDROXYETHYL)-1-PIPERAZINE ETHANESULFONIC ACID' 'C8 H18 N2 O4 S'
MG non-polymer 'MAGNESIUM ION' 'Mg 2'
YTI non-polymer '(3R,5R)-5-(5-methyl-2,4-dioxo-3,4-dihydropyrimidin-1(2H)-yl)oxolan-3-yl dihydrogen phosphate' 'C9 H13 N2 O7 P'
#
# COMPACT_ATOMS: atom_id res chain seq x y z
N MET A 1 -15.98 -10.76 18.32
CA MET A 1 -15.17 -10.00 17.37
C MET A 1 -15.99 -8.95 16.65
N ILE A 2 -15.41 -7.77 16.46
CA ILE A 2 -16.07 -6.66 15.78
C ILE A 2 -15.64 -6.66 14.33
N LEU A 3 -16.61 -6.78 13.41
CA LEU A 3 -16.31 -6.82 11.98
C LEU A 3 -16.24 -5.41 11.39
N ASP A 4 -17.32 -4.64 11.50
CA ASP A 4 -17.38 -3.30 10.95
C ASP A 4 -18.32 -2.46 11.81
N THR A 5 -18.64 -1.27 11.32
CA THR A 5 -19.50 -0.35 12.06
C THR A 5 -20.08 0.66 11.08
N ASP A 6 -21.40 0.84 11.11
CA ASP A 6 -22.07 1.86 10.33
C ASP A 6 -23.23 2.40 11.16
N TYR A 7 -24.03 3.28 10.56
CA TYR A 7 -25.18 3.85 11.24
C TYR A 7 -26.33 4.03 10.26
N ILE A 8 -27.55 3.80 10.76
CA ILE A 8 -28.76 4.06 10.01
C ILE A 8 -29.54 5.16 10.73
N THR A 9 -30.54 5.70 10.04
CA THR A 9 -31.37 6.77 10.58
C THR A 9 -32.73 6.21 10.95
N GLU A 10 -33.19 6.53 12.16
CA GLU A 10 -34.49 6.10 12.65
C GLU A 10 -35.20 7.30 13.26
N ASP A 11 -36.24 7.78 12.58
CA ASP A 11 -37.01 8.95 13.01
C ASP A 11 -36.09 10.15 13.21
N GLY A 12 -35.14 10.33 12.30
CA GLY A 12 -34.18 11.41 12.38
C GLY A 12 -32.99 11.17 13.27
N LYS A 13 -32.99 10.10 14.06
CA LYS A 13 -31.87 9.87 14.95
C LYS A 13 -30.93 8.80 14.40
N PRO A 14 -29.63 8.96 14.58
CA PRO A 14 -28.69 7.94 14.11
C PRO A 14 -28.66 6.73 15.04
N VAL A 15 -28.63 5.54 14.44
CA VAL A 15 -28.58 4.28 15.16
C VAL A 15 -27.31 3.56 14.73
N ILE A 16 -26.31 3.54 15.61
CA ILE A 16 -25.06 2.86 15.29
C ILE A 16 -25.28 1.36 15.28
N ARG A 17 -24.91 0.71 14.17
CA ARG A 17 -24.98 -0.73 14.06
C ARG A 17 -23.57 -1.31 14.17
N ILE A 18 -23.42 -2.30 15.02
CA ILE A 18 -22.13 -2.96 15.24
C ILE A 18 -22.26 -4.39 14.73
N PHE A 19 -21.61 -4.67 13.61
CA PHE A 19 -21.60 -6.02 13.04
C PHE A 19 -20.53 -6.84 13.76
N LYS A 20 -20.97 -7.84 14.52
CA LYS A 20 -20.07 -8.64 15.33
C LYS A 20 -20.22 -10.12 14.98
N LYS A 21 -19.26 -10.91 15.47
CA LYS A 21 -19.31 -12.37 15.37
C LYS A 21 -18.81 -12.91 16.70
N GLU A 22 -19.72 -13.46 17.50
CA GLU A 22 -19.39 -13.99 18.81
C GLU A 22 -19.93 -15.41 18.93
N ASN A 23 -19.08 -16.32 19.43
CA ASN A 23 -19.44 -17.73 19.59
C ASN A 23 -19.86 -18.36 18.26
N GLY A 24 -19.24 -17.92 17.17
CA GLY A 24 -19.52 -18.47 15.86
C GLY A 24 -20.84 -18.06 15.25
N GLU A 25 -21.53 -17.08 15.80
CA GLU A 25 -22.82 -16.63 15.30
C GLU A 25 -22.75 -15.13 15.00
N PHE A 26 -23.16 -14.76 13.78
CA PHE A 26 -23.19 -13.35 13.41
C PHE A 26 -24.32 -12.65 14.14
N LYS A 27 -24.02 -11.47 14.69
CA LYS A 27 -25.00 -10.69 15.43
C LYS A 27 -24.83 -9.22 15.11
N ILE A 28 -25.92 -8.46 15.28
CA ILE A 28 -25.93 -7.03 15.06
C ILE A 28 -26.31 -6.36 16.37
N GLU A 29 -25.41 -5.52 16.88
CA GLU A 29 -25.66 -4.79 18.11
C GLU A 29 -26.00 -3.34 17.78
N TYR A 30 -26.95 -2.78 18.52
CA TYR A 30 -27.50 -1.46 18.25
C TYR A 30 -27.17 -0.51 19.38
N ASP A 31 -26.77 0.71 19.02
CA ASP A 31 -26.49 1.77 19.99
C ASP A 31 -27.20 3.03 19.51
N ARG A 32 -28.31 3.37 20.17
CA ARG A 32 -29.09 4.57 19.84
C ARG A 32 -28.84 5.70 20.82
N THR A 33 -27.71 5.68 21.53
CA THR A 33 -27.39 6.70 22.51
C THR A 33 -26.22 7.59 22.10
N PHE A 34 -25.54 7.29 21.00
CA PHE A 34 -24.40 8.08 20.56
C PHE A 34 -24.88 9.33 19.82
N GLU A 35 -24.34 10.48 20.20
CA GLU A 35 -24.73 11.75 19.60
C GLU A 35 -23.54 12.37 18.88
N PRO A 36 -23.72 12.80 17.63
CA PRO A 36 -22.62 13.48 16.93
C PRO A 36 -22.27 14.80 17.59
N TYR A 37 -21.05 15.27 17.30
CA TYR A 37 -20.55 16.48 17.94
C TYR A 37 -19.32 16.98 17.18
N PHE A 38 -18.90 18.19 17.54
CA PHE A 38 -17.60 18.73 17.16
C PHE A 38 -17.34 19.96 18.03
N TYR A 39 -16.06 20.29 18.20
CA TYR A 39 -15.65 21.31 19.14
C TYR A 39 -15.56 22.68 18.47
N ALA A 40 -15.63 23.72 19.29
CA ALA A 40 -15.53 25.09 18.81
C ALA A 40 -14.84 25.94 19.87
N LEU A 41 -13.87 26.74 19.44
CA LEU A 41 -13.13 27.63 20.32
C LEU A 41 -13.56 29.06 20.06
N LEU A 42 -13.84 29.80 21.14
CA LEU A 42 -14.34 31.17 21.05
C LEU A 42 -13.44 32.12 21.81
N LYS A 43 -13.65 33.42 21.57
CA LYS A 43 -12.91 34.46 22.26
C LYS A 43 -13.46 34.67 23.67
N ASP A 44 -14.77 34.83 23.79
CA ASP A 44 -15.43 35.07 25.07
C ASP A 44 -16.52 34.04 25.27
N ASP A 45 -16.65 33.54 26.51
CA ASP A 45 -17.70 32.59 26.84
C ASP A 45 -19.09 33.21 26.78
N SER A 46 -19.18 34.55 26.71
CA SER A 46 -20.48 35.21 26.57
C SER A 46 -21.14 34.89 25.24
N ALA A 47 -20.36 34.48 24.23
CA ALA A 47 -20.90 34.18 22.92
C ALA A 47 -21.61 32.84 22.85
N ILE A 48 -21.57 32.04 23.92
CA ILE A 48 -22.21 30.73 23.89
C ILE A 48 -23.72 30.88 23.76
N GLU A 49 -24.29 31.99 24.24
CA GLU A 49 -25.71 32.22 24.05
C GLU A 49 -26.04 32.45 22.58
N GLU A 50 -25.12 33.04 21.82
CA GLU A 50 -25.37 33.33 20.42
C GLU A 50 -25.07 32.13 19.51
N VAL A 51 -24.13 31.27 19.91
CA VAL A 51 -23.77 30.15 19.05
C VAL A 51 -24.86 29.07 19.10
N LYS A 52 -25.52 28.91 20.25
CA LYS A 52 -26.60 27.93 20.33
C LYS A 52 -27.76 28.28 19.40
N LYS A 53 -27.95 29.57 19.12
CA LYS A 53 -29.03 30.02 18.25
C LYS A 53 -28.71 29.87 16.77
N ILE A 54 -27.48 29.51 16.42
CA ILE A 54 -27.10 29.38 15.01
C ILE A 54 -27.79 28.17 14.41
N THR A 55 -28.45 28.38 13.28
CA THR A 55 -29.17 27.32 12.58
C THR A 55 -28.76 27.34 11.10
N ALA A 56 -29.01 26.22 10.44
CA ALA A 56 -28.74 26.08 9.01
C ALA A 56 -29.94 25.40 8.36
N GLU A 57 -29.77 24.96 7.12
CA GLU A 57 -30.84 24.36 6.34
C GLU A 57 -30.35 23.06 5.73
N ARG A 58 -31.04 21.96 6.00
CA ARG A 58 -30.68 20.65 5.46
C ARG A 58 -31.93 20.03 4.85
N HIS A 59 -31.98 20.02 3.51
CA HIS A 59 -33.08 19.44 2.72
C HIS A 59 -34.45 19.79 3.30
N GLY A 60 -34.73 21.08 3.34
CA GLY A 60 -36.04 21.55 3.80
C GLY A 60 -36.21 21.76 5.29
N THR A 61 -35.85 20.75 6.08
CA THR A 61 -36.00 20.84 7.52
C THR A 61 -34.83 21.61 8.14
N VAL A 62 -35.14 22.39 9.17
CA VAL A 62 -34.11 23.19 9.82
C VAL A 62 -33.25 22.30 10.72
N VAL A 63 -32.04 22.77 11.00
CA VAL A 63 -31.10 22.09 11.89
C VAL A 63 -30.65 23.09 12.95
N THR A 64 -30.71 22.68 14.22
CA THR A 64 -30.33 23.51 15.34
C THR A 64 -29.24 22.82 16.15
N VAL A 65 -28.66 23.57 17.08
CA VAL A 65 -27.68 23.02 18.01
C VAL A 65 -28.43 22.33 19.14
N LYS A 66 -28.23 21.02 19.28
CA LYS A 66 -28.98 20.26 20.28
C LYS A 66 -28.52 20.61 21.69
N ARG A 67 -27.23 20.46 21.96
CA ARG A 67 -26.71 20.67 23.30
C ARG A 67 -25.27 21.16 23.22
N VAL A 68 -24.82 21.82 24.29
CA VAL A 68 -23.47 22.36 24.36
C VAL A 68 -22.83 21.92 25.68
N GLU A 69 -21.51 21.83 25.68
CA GLU A 69 -20.76 21.37 26.85
C GLU A 69 -19.38 22.00 26.82
N LYS A 70 -19.06 22.86 27.79
CA LYS A 70 -17.72 23.39 27.94
C LYS A 70 -16.83 22.34 28.59
N VAL A 71 -15.80 21.91 27.87
CA VAL A 71 -14.91 20.85 28.35
C VAL A 71 -13.48 21.36 28.37
N GLN A 72 -12.63 20.65 29.09
CA GLN A 72 -11.21 20.96 29.20
C GLN A 72 -10.42 19.87 28.48
N LYS A 73 -9.77 20.25 27.39
CA LYS A 73 -8.94 19.33 26.62
C LYS A 73 -7.51 19.88 26.56
N LYS A 74 -6.68 19.22 25.75
CA LYS A 74 -5.31 19.65 25.51
C LYS A 74 -5.05 19.72 24.02
N PHE A 75 -4.52 20.84 23.55
CA PHE A 75 -4.17 21.03 22.15
C PHE A 75 -2.66 21.02 22.04
N LEU A 76 -2.11 19.89 21.58
CA LEU A 76 -0.67 19.68 21.47
C LEU A 76 0.01 19.86 22.84
N GLY A 77 -0.45 19.07 23.80
CA GLY A 77 0.12 19.08 25.13
C GLY A 77 -0.14 20.32 25.95
N ARG A 78 -0.86 21.30 25.42
CA ARG A 78 -1.14 22.53 26.14
C ARG A 78 -2.62 22.63 26.47
N PRO A 79 -2.97 23.16 27.64
CA PRO A 79 -4.38 23.23 28.03
C PRO A 79 -5.18 24.12 27.09
N VAL A 80 -6.38 23.66 26.74
CA VAL A 80 -7.29 24.39 25.86
C VAL A 80 -8.71 24.22 26.38
N GLU A 81 -9.52 25.25 26.21
CA GLU A 81 -10.91 25.28 26.68
C GLU A 81 -11.83 25.40 25.48
N VAL A 82 -12.46 24.29 25.09
CA VAL A 82 -13.36 24.26 23.95
C VAL A 82 -14.73 23.78 24.42
N TRP A 83 -15.73 24.02 23.57
CA TRP A 83 -17.11 23.65 23.85
C TRP A 83 -17.54 22.51 22.92
N LYS A 84 -18.11 21.47 23.51
CA LYS A 84 -18.63 20.34 22.74
C LYS A 84 -20.02 20.69 22.23
N LEU A 85 -20.13 20.89 20.92
CA LEU A 85 -21.40 21.25 20.30
C LEU A 85 -22.08 19.97 19.80
N TYR A 86 -23.19 19.60 20.43
CA TYR A 86 -23.91 18.37 20.09
C TYR A 86 -24.98 18.66 19.05
N PHE A 87 -25.33 17.62 18.29
CA PHE A 87 -26.32 17.72 17.24
C PHE A 87 -27.12 16.43 17.16
N THR A 88 -28.29 16.52 16.51
CA THR A 88 -29.18 15.37 16.41
C THR A 88 -28.62 14.33 15.44
N HIS A 89 -28.47 14.70 14.18
CA HIS A 89 -28.00 13.79 13.15
C HIS A 89 -26.56 14.08 12.76
N PRO A 90 -25.79 13.06 12.38
CA PRO A 90 -24.41 13.32 11.92
C PRO A 90 -24.36 14.20 10.68
N GLN A 91 -25.26 13.98 9.72
CA GLN A 91 -25.30 14.81 8.52
C GLN A 91 -25.65 16.25 8.81
N ASP A 92 -26.07 16.57 10.04
CA ASP A 92 -26.30 17.95 10.42
C ASP A 92 -25.00 18.73 10.53
N VAL A 93 -23.88 18.04 10.80
CA VAL A 93 -22.60 18.73 10.96
C VAL A 93 -22.15 19.43 9.69
N PRO A 94 -22.05 18.76 8.53
CA PRO A 94 -21.57 19.48 7.32
C PRO A 94 -22.47 20.61 6.89
N ALA A 95 -23.72 20.67 7.35
CA ALA A 95 -24.60 21.77 6.99
C ALA A 95 -24.37 23.01 7.84
N ILE A 96 -23.98 22.82 9.10
CA ILE A 96 -23.78 23.92 10.04
C ILE A 96 -22.31 24.14 10.39
N ARG A 97 -21.41 23.28 9.87
CA ARG A 97 -20.00 23.36 10.24
C ARG A 97 -19.39 24.70 9.86
N ASP A 98 -19.53 25.09 8.60
CA ASP A 98 -18.90 26.33 8.13
C ASP A 98 -19.55 27.57 8.71
N ARG A 99 -20.81 27.49 9.13
CA ARG A 99 -21.53 28.67 9.57
C ARG A 99 -21.32 28.95 11.05
N ILE A 100 -21.08 27.90 11.85
CA ILE A 100 -20.69 28.10 13.24
C ILE A 100 -19.29 28.68 13.33
N ARG A 101 -18.37 28.16 12.51
CA ARG A 101 -17.02 28.72 12.45
C ARG A 101 -17.03 30.14 11.91
N ALA A 102 -18.02 30.49 11.08
CA ALA A 102 -18.11 31.81 10.50
C ALA A 102 -18.51 32.87 11.52
N HIS A 103 -18.93 32.48 12.71
CA HIS A 103 -19.32 33.44 13.73
C HIS A 103 -18.12 34.33 14.08
N PRO A 104 -18.32 35.64 14.23
CA PRO A 104 -17.20 36.53 14.54
C PRO A 104 -16.53 36.23 15.86
N ALA A 105 -17.22 35.57 16.79
CA ALA A 105 -16.68 35.26 18.11
C ALA A 105 -16.14 33.84 18.20
N VAL A 106 -16.09 33.11 17.11
CA VAL A 106 -15.59 31.73 17.08
C VAL A 106 -14.22 31.75 16.41
N VAL A 107 -13.20 31.31 17.13
CA VAL A 107 -11.85 31.27 16.57
C VAL A 107 -11.75 30.19 15.51
N ASP A 108 -12.01 28.94 15.89
CA ASP A 108 -11.91 27.82 14.97
C ASP A 108 -12.75 26.66 15.52
N ILE A 109 -12.96 25.67 14.66
CA ILE A 109 -13.70 24.46 15.02
C ILE A 109 -12.80 23.26 14.73
N TYR A 110 -13.06 22.16 15.44
CA TYR A 110 -12.21 20.99 15.37
C TYR A 110 -13.07 19.73 15.37
N GLU A 111 -12.51 18.66 14.79
CA GLU A 111 -13.13 17.33 14.78
C GLU A 111 -14.54 17.37 14.18
N TYR A 112 -14.65 18.00 13.02
CA TYR A 112 -15.92 18.14 12.32
C TYR A 112 -16.03 17.27 11.08
N ASP A 113 -15.01 16.44 10.80
CA ASP A 113 -15.00 15.61 9.60
C ASP A 113 -14.76 14.13 9.88
N ILE A 114 -14.63 13.73 11.13
CA ILE A 114 -14.48 12.31 11.45
C ILE A 114 -15.81 11.60 11.20
N PRO A 115 -15.84 10.54 10.41
CA PRO A 115 -17.11 9.85 10.14
C PRO A 115 -17.76 9.33 11.40
N PHE A 116 -19.09 9.43 11.46
CA PHE A 116 -19.83 9.04 12.65
C PHE A 116 -19.62 7.58 13.01
N ALA A 117 -19.43 6.72 12.01
CA ALA A 117 -19.20 5.31 12.28
C ALA A 117 -17.83 5.09 12.93
N LYS A 118 -16.79 5.72 12.38
CA LYS A 118 -15.46 5.62 12.99
C LYS A 118 -15.40 6.39 14.30
N ARG A 119 -16.20 7.45 14.43
CA ARG A 119 -16.25 8.19 15.69
C ARG A 119 -16.78 7.31 16.82
N TYR A 120 -17.66 6.36 16.50
CA TYR A 120 -18.16 5.45 17.53
C TYR A 120 -17.08 4.49 18.01
N LEU A 121 -16.24 4.00 17.08
CA LEU A 121 -15.19 3.06 17.47
C LEU A 121 -14.12 3.74 18.33
N ILE A 122 -13.77 4.98 17.98
CA ILE A 122 -12.72 5.69 18.71
C ILE A 122 -13.21 6.06 20.11
N ASP A 123 -14.43 6.62 20.20
CA ASP A 123 -14.91 7.12 21.49
C ASP A 123 -15.20 6.00 22.46
N LYS A 124 -15.79 4.90 21.99
CA LYS A 124 -16.11 3.78 22.86
C LYS A 124 -14.94 2.82 23.05
N GLY A 125 -13.78 3.12 22.46
CA GLY A 125 -12.61 2.30 22.67
C GLY A 125 -12.71 0.89 22.12
N LEU A 126 -13.46 0.70 21.04
CA LEU A 126 -13.62 -0.61 20.44
C LEU A 126 -12.51 -0.86 19.42
N ILE A 127 -12.00 -2.08 19.41
CA ILE A 127 -10.93 -2.50 18.50
C ILE A 127 -11.43 -3.70 17.71
N PRO A 128 -11.56 -3.59 16.38
CA PRO A 128 -12.06 -4.73 15.59
C PRO A 128 -11.01 -5.83 15.47
N MET A 129 -11.46 -6.97 14.96
CA MET A 129 -10.64 -8.17 14.75
C MET A 129 -10.05 -8.72 16.04
N GLU A 130 -10.64 -8.39 17.18
CA GLU A 130 -10.19 -8.91 18.47
C GLU A 130 -10.97 -10.15 18.86
N GLY A 131 -10.27 -11.16 19.36
CA GLY A 131 -10.96 -12.31 19.90
C GLY A 131 -10.41 -13.60 19.35
N ASP A 132 -11.17 -14.68 19.60
CA ASP A 132 -10.80 -16.02 19.22
C ASP A 132 -11.54 -16.54 18.00
N GLU A 133 -12.48 -15.76 17.46
CA GLU A 133 -13.35 -16.26 16.40
C GLU A 133 -12.56 -16.52 15.12
N GLU A 134 -13.02 -17.52 14.37
CA GLU A 134 -12.46 -17.89 13.08
C GLU A 134 -13.47 -17.51 12.00
N LEU A 135 -13.16 -16.47 11.24
CA LEU A 135 -14.10 -15.97 10.25
C LEU A 135 -14.26 -16.97 9.11
N THR A 136 -15.42 -16.93 8.46
CA THR A 136 -15.70 -17.75 7.30
C THR A 136 -15.46 -16.93 6.04
N MET A 137 -14.74 -17.50 5.08
CA MET A 137 -14.31 -16.80 3.89
C MET A 137 -14.88 -17.46 2.64
N LEU A 138 -15.06 -16.67 1.59
CA LEU A 138 -15.53 -17.17 0.31
C LEU A 138 -15.09 -16.18 -0.76
N ALA A 139 -14.25 -16.64 -1.69
CA ALA A 139 -13.84 -15.82 -2.81
C ALA A 139 -14.78 -16.03 -4.00
N PHE A 140 -14.79 -15.05 -4.89
CA PHE A 140 -15.59 -15.18 -6.10
C PHE A 140 -15.03 -14.28 -7.18
N ALA A 141 -15.14 -14.75 -8.43
CA ALA A 141 -14.73 -13.99 -9.60
C ALA A 141 -15.78 -14.19 -10.70
N ILE A 142 -15.76 -13.29 -11.68
CA ILE A 142 -16.72 -13.33 -12.77
C ILE A 142 -15.99 -13.30 -14.10
N ALA A 143 -16.58 -13.96 -15.10
CA ALA A 143 -16.10 -13.93 -16.47
C ALA A 143 -17.17 -13.29 -17.33
N THR A 144 -16.85 -12.16 -17.96
CA THR A 144 -17.81 -11.37 -18.70
C THR A 144 -17.44 -11.33 -20.17
N LEU A 145 -18.45 -11.22 -21.02
CA LEU A 145 -18.26 -11.14 -22.47
C LEU A 145 -17.94 -9.71 -22.87
N TYR A 146 -16.83 -9.53 -23.59
CA TYR A 146 -16.35 -8.19 -23.95
C TYR A 146 -16.19 -8.09 -25.47
N HIS A 147 -16.50 -6.90 -25.99
CA HIS A 147 -16.23 -6.55 -27.38
C HIS A 147 -15.68 -5.13 -27.41
N GLU A 148 -14.67 -4.91 -28.25
CA GLU A 148 -13.98 -3.62 -28.28
C GLU A 148 -14.94 -2.50 -28.65
N GLY A 149 -14.99 -1.48 -27.79
CA GLY A 149 -15.83 -0.32 -28.01
C GLY A 149 -17.13 -0.31 -27.22
N GLU A 150 -17.51 -1.43 -26.63
CA GLU A 150 -18.77 -1.50 -25.90
C GLU A 150 -18.68 -0.78 -24.57
N GLU A 151 -19.83 -0.29 -24.09
CA GLU A 151 -19.89 0.37 -22.80
C GLU A 151 -19.66 -0.65 -21.67
N PHE A 152 -19.42 -0.13 -20.47
CA PHE A 152 -19.18 -1.00 -19.33
C PHE A 152 -20.42 -1.82 -19.02
N ALA A 153 -20.22 -3.13 -18.81
CA ALA A 153 -21.29 -4.07 -18.50
C ALA A 153 -22.36 -4.13 -19.58
N GLU A 154 -22.03 -3.72 -20.80
CA GLU A 154 -22.99 -3.87 -21.90
C GLU A 154 -23.19 -5.34 -22.24
N GLY A 155 -22.10 -6.08 -22.40
CA GLY A 155 -22.17 -7.51 -22.58
C GLY A 155 -22.55 -8.19 -21.29
N PRO A 156 -23.08 -9.41 -21.40
CA PRO A 156 -23.55 -10.12 -20.20
C PRO A 156 -22.42 -10.84 -19.48
N ILE A 157 -22.69 -11.15 -18.21
CA ILE A 157 -21.78 -11.99 -17.43
C ILE A 157 -21.96 -13.43 -17.87
N LEU A 158 -20.86 -14.07 -18.25
CA LEU A 158 -20.91 -15.44 -18.72
C LEU A 158 -20.84 -16.45 -17.58
N MET A 159 -19.85 -16.30 -16.70
CA MET A 159 -19.64 -17.24 -15.61
C MET A 159 -19.41 -16.50 -14.30
N ILE A 160 -19.84 -17.12 -13.21
CA ILE A 160 -19.60 -16.63 -11.86
C ILE A 160 -19.05 -17.80 -11.06
N SER A 161 -17.78 -17.71 -10.68
CA SER A 161 -17.11 -18.76 -9.93
C SER A 161 -16.89 -18.34 -8.50
N TYR A 162 -16.99 -19.29 -7.58
CA TYR A 162 -16.75 -19.06 -6.17
C TYR A 162 -15.88 -20.19 -5.62
N ALA A 163 -15.25 -19.93 -4.48
CA ALA A 163 -14.31 -20.90 -3.92
C ALA A 163 -14.15 -20.66 -2.43
N ASP A 164 -14.03 -21.74 -1.67
CA ASP A 164 -13.69 -21.65 -0.25
C ASP A 164 -13.11 -22.99 0.21
N GLU A 165 -13.38 -23.36 1.46
CA GLU A 165 -12.80 -24.57 2.02
C GLU A 165 -13.40 -25.84 1.43
N GLU A 166 -14.58 -25.75 0.82
CA GLU A 166 -15.23 -26.91 0.23
C GLU A 166 -14.89 -27.11 -1.24
N GLY A 167 -14.01 -26.29 -1.81
CA GLY A 167 -13.67 -26.39 -3.21
C GLY A 167 -14.09 -25.17 -4.00
N ALA A 168 -14.11 -25.27 -5.33
CA ALA A 168 -14.51 -24.19 -6.19
C ALA A 168 -15.50 -24.69 -7.22
N ARG A 169 -16.46 -23.82 -7.57
CA ARG A 169 -17.48 -24.14 -8.55
C ARG A 169 -17.67 -22.94 -9.46
N VAL A 170 -18.25 -23.19 -10.63
CA VAL A 170 -18.58 -22.16 -11.61
C VAL A 170 -20.04 -22.29 -11.98
N ILE A 171 -20.72 -21.15 -12.12
CA ILE A 171 -22.11 -21.10 -12.56
C ILE A 171 -22.15 -20.38 -13.90
N THR A 172 -22.62 -21.08 -14.94
CA THR A 172 -22.71 -20.52 -16.27
C THR A 172 -24.03 -20.94 -16.90
N TRP A 173 -24.49 -20.14 -17.86
CA TRP A 173 -25.74 -20.41 -18.56
C TRP A 173 -25.51 -21.05 -19.92
N LYS A 174 -24.48 -21.87 -20.05
CA LYS A 174 -24.27 -22.72 -21.23
C LYS A 174 -23.69 -24.05 -20.77
N ASN A 175 -23.96 -25.09 -21.53
CA ASN A 175 -23.62 -26.44 -21.10
C ASN A 175 -22.11 -26.67 -21.20
N VAL A 176 -21.48 -26.94 -20.05
CA VAL A 176 -20.08 -27.31 -19.98
C VAL A 176 -19.99 -28.60 -19.17
N ASP A 177 -19.29 -29.59 -19.71
CA ASP A 177 -19.22 -30.92 -19.09
C ASP A 177 -17.96 -31.02 -18.23
N LEU A 178 -18.03 -30.37 -17.07
CA LEU A 178 -16.99 -30.48 -16.06
C LEU A 178 -17.63 -30.69 -14.70
N PRO A 179 -17.04 -31.54 -13.86
CA PRO A 179 -17.72 -31.91 -12.59
C PRO A 179 -17.91 -30.76 -11.63
N TYR A 180 -17.18 -29.66 -11.78
CA TYR A 180 -17.29 -28.52 -10.87
C TYR A 180 -18.07 -27.36 -11.48
N VAL A 181 -18.86 -27.61 -12.52
CA VAL A 181 -19.61 -26.57 -13.21
C VAL A 181 -21.10 -26.85 -13.04
N ASP A 182 -21.81 -25.87 -12.48
CA ASP A 182 -23.26 -25.96 -12.32
C ASP A 182 -23.92 -25.29 -13.52
N VAL A 183 -24.66 -26.07 -14.30
CA VAL A 183 -25.31 -25.56 -15.50
C VAL A 183 -26.61 -24.85 -15.12
N VAL A 184 -26.92 -23.80 -15.87
CA VAL A 184 -28.01 -22.88 -15.53
C VAL A 184 -28.63 -22.39 -16.83
N SER A 185 -29.91 -22.00 -16.77
CA SER A 185 -30.62 -21.61 -17.98
C SER A 185 -30.15 -20.26 -18.51
N THR A 186 -30.31 -19.19 -17.73
CA THR A 186 -30.07 -17.83 -18.19
C THR A 186 -29.06 -17.13 -17.28
N GLU A 187 -28.64 -15.95 -17.72
CA GLU A 187 -27.69 -15.16 -16.93
C GLU A 187 -28.34 -14.65 -15.65
N ARG A 188 -29.60 -14.21 -15.72
CA ARG A 188 -30.29 -13.73 -14.53
C ARG A 188 -30.41 -14.83 -13.49
N GLU A 189 -30.72 -16.05 -13.91
CA GLU A 189 -30.76 -17.16 -12.98
C GLU A 189 -29.37 -17.52 -12.48
N MET A 190 -28.34 -17.31 -13.31
CA MET A 190 -26.97 -17.55 -12.87
C MET A 190 -26.58 -16.57 -11.77
N ILE A 191 -26.93 -15.30 -11.93
CA ILE A 191 -26.68 -14.32 -10.88
C ILE A 191 -27.54 -14.62 -9.66
N LYS A 192 -28.78 -15.06 -9.88
CA LYS A 192 -29.67 -15.40 -8.77
C LYS A 192 -29.13 -16.59 -7.99
N ARG A 193 -28.62 -17.61 -8.69
CA ARG A 193 -28.08 -18.78 -8.00
C ARG A 193 -26.85 -18.42 -7.17
N PHE A 194 -25.98 -17.57 -7.73
CA PHE A 194 -24.82 -17.13 -6.96
C PHE A 194 -25.23 -16.33 -5.74
N LEU A 195 -26.26 -15.49 -5.87
CA LEU A 195 -26.77 -14.75 -4.73
C LEU A 195 -27.32 -15.70 -3.66
N ARG A 196 -27.97 -16.78 -4.09
CA ARG A 196 -28.45 -17.77 -3.13
C ARG A 196 -27.30 -18.56 -2.52
N VAL A 197 -26.22 -18.76 -3.29
CA VAL A 197 -25.07 -19.49 -2.76
C VAL A 197 -24.38 -18.69 -1.67
N VAL A 198 -24.21 -17.39 -1.87
CA VAL A 198 -23.60 -16.54 -0.85
C VAL A 198 -24.48 -16.49 0.39
N LYS A 199 -25.80 -16.49 0.20
CA LYS A 199 -26.72 -16.44 1.33
C LYS A 199 -26.72 -17.74 2.12
N GLU A 200 -26.60 -18.88 1.43
CA GLU A 200 -26.60 -20.17 2.13
C GLU A 200 -25.34 -20.34 2.96
N LYS A 201 -24.19 -19.96 2.42
CA LYS A 201 -22.94 -20.13 3.15
C LYS A 201 -22.73 -19.04 4.19
N ASP A 202 -23.23 -17.84 3.93
CA ASP A 202 -23.13 -16.71 4.85
C ASP A 202 -21.69 -16.45 5.29
N PRO A 203 -20.79 -16.13 4.36
CA PRO A 203 -19.40 -15.88 4.75
C PRO A 203 -19.23 -14.49 5.34
N ASP A 204 -18.44 -14.43 6.43
CA ASP A 204 -18.15 -13.13 7.03
C ASP A 204 -17.25 -12.28 6.14
N VAL A 205 -16.46 -12.92 5.27
CA VAL A 205 -15.54 -12.22 4.40
C VAL A 205 -15.81 -12.63 2.96
N LEU A 206 -15.76 -11.67 2.06
CA LEU A 206 -15.90 -11.90 0.62
C LEU A 206 -14.61 -11.49 -0.06
N ILE A 207 -13.86 -12.46 -0.58
CA ILE A 207 -12.57 -12.19 -1.22
C ILE A 207 -12.81 -11.94 -2.71
N THR A 208 -12.25 -10.84 -3.20
CA THR A 208 -12.22 -10.54 -4.63
C THR A 208 -10.81 -10.13 -5.03
N TYR A 209 -10.60 -10.02 -6.34
CA TYR A 209 -9.38 -9.45 -6.89
C TYR A 209 -9.79 -8.34 -7.84
N ASN A 210 -9.55 -7.08 -7.44
CA ASN A 210 -10.02 -5.89 -8.14
C ASN A 210 -11.55 -5.81 -8.18
N GLY A 211 -12.23 -6.51 -7.27
CA GLY A 211 -13.67 -6.41 -7.19
C GLY A 211 -14.18 -5.04 -6.81
N ASP A 212 -13.32 -4.20 -6.23
CA ASP A 212 -13.69 -2.82 -5.92
C ASP A 212 -13.90 -1.98 -7.17
N ASN A 213 -13.33 -2.39 -8.31
CA ASN A 213 -13.35 -1.58 -9.51
C ASN A 213 -13.88 -2.31 -10.75
N PHE A 214 -14.33 -3.55 -10.62
CA PHE A 214 -14.82 -4.28 -11.79
C PHE A 214 -15.94 -5.25 -11.44
N ASP A 215 -15.64 -6.23 -10.59
CA ASP A 215 -16.57 -7.34 -10.37
C ASP A 215 -17.90 -6.84 -9.79
N PHE A 216 -17.83 -6.02 -8.74
CA PHE A 216 -19.07 -5.53 -8.13
C PHE A 216 -19.76 -4.49 -9.01
N ALA A 217 -18.99 -3.67 -9.73
CA ALA A 217 -19.59 -2.71 -10.64
C ALA A 217 -20.23 -3.41 -11.84
N TYR A 218 -19.64 -4.51 -12.29
CA TYR A 218 -20.23 -5.26 -13.39
C TYR A 218 -21.51 -5.95 -12.94
N LEU A 219 -21.47 -6.62 -11.79
CA LEU A 219 -22.65 -7.28 -11.26
C LEU A 219 -23.77 -6.30 -10.96
N LYS A 220 -23.41 -5.04 -10.63
CA LYS A 220 -24.42 -4.03 -10.36
C LYS A 220 -25.21 -3.69 -11.62
N LYS A 221 -24.53 -3.20 -12.65
CA LYS A 221 -25.21 -2.78 -13.87
C LYS A 221 -25.98 -3.92 -14.52
N ARG A 222 -25.47 -5.15 -14.41
CA ARG A 222 -26.22 -6.31 -14.92
C ARG A 222 -27.49 -6.55 -14.11
N CYS A 223 -27.43 -6.29 -12.81
CA CYS A 223 -28.62 -6.48 -11.97
C CYS A 223 -29.65 -5.38 -12.22
N GLU A 224 -29.20 -4.17 -12.60
CA GLU A 224 -30.13 -3.12 -12.94
C GLU A 224 -30.88 -3.45 -14.24
N LYS A 225 -30.15 -3.95 -15.24
CA LYS A 225 -30.78 -4.24 -16.53
C LYS A 225 -31.70 -5.45 -16.43
N LEU A 226 -31.34 -6.45 -15.62
CA LEU A 226 -32.13 -7.67 -15.50
C LEU A 226 -33.15 -7.61 -14.37
N GLY A 227 -33.16 -6.53 -13.59
CA GLY A 227 -34.11 -6.40 -12.50
C GLY A 227 -33.91 -7.43 -11.40
N ILE A 228 -32.73 -7.42 -10.78
CA ILE A 228 -32.38 -8.37 -9.75
C ILE A 228 -32.05 -7.60 -8.47
N ASN A 229 -32.57 -8.10 -7.35
CA ASN A 229 -32.28 -7.53 -6.03
C ASN A 229 -31.06 -8.23 -5.48
N PHE A 230 -29.88 -7.69 -5.82
CA PHE A 230 -28.60 -8.31 -5.44
C PHE A 230 -28.29 -7.99 -3.98
N ALA A 231 -29.09 -8.58 -3.10
CA ALA A 231 -28.99 -8.34 -1.66
C ALA A 231 -27.90 -9.23 -1.07
N LEU A 232 -26.66 -8.76 -1.16
CA LEU A 232 -25.52 -9.52 -0.63
C LEU A 232 -25.28 -9.26 0.84
N GLY A 233 -25.68 -8.08 1.35
CA GLY A 233 -25.44 -7.77 2.75
C GLY A 233 -26.32 -8.60 3.68
N ARG A 234 -25.84 -8.77 4.91
CA ARG A 234 -26.58 -9.52 5.91
C ARG A 234 -27.84 -8.80 6.37
N ASP A 235 -28.00 -7.52 6.04
CA ASP A 235 -29.23 -6.79 6.31
C ASP A 235 -30.12 -6.70 5.08
N GLY A 236 -29.90 -7.57 4.09
CA GLY A 236 -30.67 -7.53 2.87
C GLY A 236 -30.36 -6.37 1.95
N SER A 237 -29.22 -5.72 2.16
CA SER A 237 -28.86 -4.56 1.36
C SER A 237 -27.99 -4.96 0.17
N GLU A 238 -28.00 -4.11 -0.85
CA GLU A 238 -27.13 -4.29 -1.99
C GLU A 238 -25.75 -3.70 -1.70
N PRO A 239 -24.70 -4.26 -2.29
CA PRO A 239 -23.36 -3.71 -2.04
C PRO A 239 -23.26 -2.26 -2.49
N LYS A 240 -22.72 -1.43 -1.61
CA LYS A 240 -22.60 0.01 -1.86
C LYS A 240 -21.26 0.31 -2.52
N ILE A 241 -21.29 1.19 -3.52
CA ILE A 241 -20.11 1.62 -4.25
C ILE A 241 -19.71 3.00 -3.77
N GLN A 242 -18.48 3.16 -3.33
CA GLN A 242 -17.97 4.42 -2.82
C GLN A 242 -16.85 4.94 -3.72
N ARG A 243 -16.80 6.26 -3.86
CA ARG A 243 -15.74 6.91 -4.64
C ARG A 243 -14.60 7.30 -3.72
N MET A 244 -13.37 6.98 -4.14
CA MET A 244 -12.16 7.28 -3.37
C MET A 244 -11.15 7.95 -4.30
N GLY A 245 -11.40 9.21 -4.65
CA GLY A 245 -10.53 9.95 -5.53
C GLY A 245 -10.65 9.52 -6.98
N ASP A 246 -9.77 8.60 -7.41
CA ASP A 246 -9.80 8.08 -8.77
C ASP A 246 -10.23 6.62 -8.86
N ARG A 247 -10.23 5.89 -7.74
CA ARG A 247 -10.65 4.51 -7.71
C ARG A 247 -11.92 4.37 -6.87
N PHE A 248 -12.62 3.26 -7.09
CA PHE A 248 -13.88 2.98 -6.40
C PHE A 248 -13.67 1.87 -5.38
N ALA A 249 -14.48 1.93 -4.32
CA ALA A 249 -14.45 0.92 -3.26
C ALA A 249 -15.87 0.44 -2.99
N VAL A 250 -16.03 -0.87 -2.86
CA VAL A 250 -17.34 -1.49 -2.68
C VAL A 250 -17.40 -2.10 -1.29
N GLU A 251 -18.43 -1.74 -0.53
CA GLU A 251 -18.67 -2.28 0.79
C GLU A 251 -19.89 -3.19 0.77
N VAL A 252 -19.90 -4.17 1.68
CA VAL A 252 -21.01 -5.10 1.84
C VAL A 252 -21.37 -5.13 3.32
N LYS A 253 -22.59 -4.72 3.65
CA LYS A 253 -23.01 -4.62 5.05
C LYS A 253 -23.05 -5.99 5.71
N GLY A 254 -22.65 -6.03 6.98
CA GLY A 254 -22.61 -7.25 7.76
C GLY A 254 -21.40 -8.14 7.51
N ARG A 255 -20.81 -8.05 6.32
CA ARG A 255 -19.63 -8.84 5.95
C ARG A 255 -18.42 -7.92 5.83
N ILE A 256 -17.34 -8.46 5.27
CA ILE A 256 -16.11 -7.72 5.04
C ILE A 256 -15.65 -8.05 3.63
N HIS A 257 -15.80 -7.11 2.70
CA HIS A 257 -15.31 -7.28 1.34
C HIS A 257 -13.80 -7.09 1.35
N PHE A 258 -13.07 -8.20 1.19
CA PHE A 258 -11.61 -8.18 1.22
C PHE A 258 -11.09 -8.27 -0.22
N ASP A 259 -10.96 -7.11 -0.85
CA ASP A 259 -10.39 -7.04 -2.20
C ASP A 259 -8.87 -7.20 -2.09
N LEU A 260 -8.34 -8.20 -2.79
CA LEU A 260 -6.93 -8.54 -2.67
C LEU A 260 -6.02 -7.60 -3.46
N TYR A 261 -6.56 -6.84 -4.40
CA TYR A 261 -5.73 -5.96 -5.22
C TYR A 261 -4.98 -4.93 -4.38
N PRO A 262 -5.63 -4.05 -3.61
CA PRO A 262 -4.87 -3.04 -2.88
C PRO A 262 -3.95 -3.61 -1.83
N VAL A 263 -4.24 -4.81 -1.31
CA VAL A 263 -3.36 -5.43 -0.32
C VAL A 263 -2.05 -5.86 -0.96
N ILE A 264 -2.13 -6.56 -2.10
CA ILE A 264 -0.93 -7.05 -2.76
C ILE A 264 -0.07 -5.90 -3.27
N ARG A 265 -0.69 -4.77 -3.62
CA ARG A 265 0.09 -3.63 -4.09
C ARG A 265 1.00 -3.09 -3.00
N ARG A 266 0.47 -2.90 -1.79
CA ARG A 266 1.26 -2.38 -0.69
C ARG A 266 2.14 -3.44 -0.03
N THR A 267 2.03 -4.69 -0.44
CA THR A 267 2.75 -5.79 0.19
C THR A 267 3.86 -6.36 -0.68
N ILE A 268 3.67 -6.44 -1.99
CA ILE A 268 4.64 -7.04 -2.89
C ILE A 268 4.91 -6.09 -4.04
N ASN A 269 6.19 -5.95 -4.40
CA ASN A 269 6.60 -5.16 -5.54
C ASN A 269 6.82 -6.09 -6.74
N LEU A 270 6.02 -5.92 -7.78
CA LEU A 270 6.05 -6.77 -8.95
C LEU A 270 6.03 -5.92 -10.22
N PRO A 271 6.62 -6.42 -11.32
CA PRO A 271 6.48 -5.71 -12.60
C PRO A 271 5.07 -5.72 -13.14
N THR A 272 4.27 -6.73 -12.79
CA THR A 272 2.89 -6.80 -13.23
C THR A 272 2.06 -7.41 -12.10
N TYR A 273 0.85 -6.88 -11.91
CA TYR A 273 -0.01 -7.31 -10.82
C TYR A 273 -1.24 -8.06 -11.30
N THR A 274 -1.10 -8.84 -12.36
CA THR A 274 -2.18 -9.72 -12.78
C THR A 274 -2.37 -10.83 -11.75
N LEU A 275 -3.58 -11.40 -11.74
CA LEU A 275 -3.85 -12.49 -10.81
C LEU A 275 -2.92 -13.67 -11.05
N GLU A 276 -2.46 -13.86 -12.29
CA GLU A 276 -1.56 -14.96 -12.58
C GLU A 276 -0.15 -14.68 -12.06
N ALA A 277 0.31 -13.43 -12.18
CA ALA A 277 1.64 -13.09 -11.70
C ALA A 277 1.68 -13.05 -10.18
N VAL A 278 0.62 -12.56 -9.54
CA VAL A 278 0.57 -12.51 -8.09
C VAL A 278 0.55 -13.92 -7.51
N TYR A 279 -0.25 -14.82 -8.11
CA TYR A 279 -0.31 -16.19 -7.63
C TYR A 279 1.03 -16.89 -7.79
N GLU A 280 1.80 -16.54 -8.82
CA GLU A 280 3.10 -17.18 -9.02
C GLU A 280 4.14 -16.64 -8.04
N ALA A 281 4.09 -15.34 -7.74
CA ALA A 281 5.10 -14.76 -6.85
C ALA A 281 4.92 -15.24 -5.41
N VAL A 282 3.69 -15.55 -5.00
CA VAL A 282 3.43 -15.93 -3.62
C VAL A 282 3.57 -17.43 -3.40
N PHE A 283 3.09 -18.24 -4.36
CA PHE A 283 3.06 -19.69 -4.19
C PHE A 283 4.06 -20.43 -5.07
N GLY A 284 4.71 -19.75 -6.01
CA GLY A 284 5.64 -20.43 -6.88
C GLY A 284 4.99 -21.34 -7.91
N LYS A 285 3.68 -21.21 -8.10
CA LYS A 285 2.97 -22.02 -9.07
C LYS A 285 2.46 -21.16 -10.22
N PRO A 286 2.50 -21.65 -11.45
CA PRO A 286 2.02 -20.86 -12.59
C PRO A 286 0.52 -21.01 -12.79
N LYS A 287 -0.09 -19.91 -13.22
CA LYS A 287 -1.52 -19.87 -13.50
C LYS A 287 -1.74 -19.46 -14.95
N GLU A 288 -2.57 -20.21 -15.67
CA GLU A 288 -2.87 -19.90 -17.06
C GLU A 288 -3.91 -18.80 -17.13
N LYS A 289 -3.74 -17.91 -18.10
CA LYS A 289 -4.65 -16.77 -18.30
C LYS A 289 -5.34 -16.91 -19.65
N VAL A 290 -6.66 -16.82 -19.65
CA VAL A 290 -7.45 -16.78 -20.87
C VAL A 290 -7.92 -15.35 -21.07
N TYR A 291 -7.70 -14.82 -22.26
CA TYR A 291 -7.91 -13.40 -22.53
C TYR A 291 -9.34 -13.12 -22.95
N ALA A 292 -9.72 -11.83 -22.87
CA ALA A 292 -11.08 -11.40 -23.17
C ALA A 292 -11.48 -11.65 -24.62
N GLU A 293 -10.52 -11.95 -25.49
CA GLU A 293 -10.79 -12.23 -26.90
C GLU A 293 -11.09 -13.71 -27.12
N GLU A 294 -10.36 -14.60 -26.44
CA GLU A 294 -10.60 -16.03 -26.61
C GLU A 294 -11.91 -16.46 -25.96
N ILE A 295 -12.26 -15.83 -24.83
CA ILE A 295 -13.51 -16.18 -24.16
C ILE A 295 -14.70 -15.85 -25.04
N ALA A 296 -14.62 -14.75 -25.80
CA ALA A 296 -15.68 -14.41 -26.73
C ALA A 296 -15.81 -15.47 -27.82
N GLN A 297 -14.70 -15.77 -28.51
CA GLN A 297 -14.71 -16.83 -29.50
C GLN A 297 -15.19 -18.15 -28.93
N ALA A 298 -14.87 -18.43 -27.67
CA ALA A 298 -15.35 -19.66 -27.04
C ALA A 298 -16.84 -19.62 -26.77
N TRP A 299 -17.39 -18.43 -26.52
CA TRP A 299 -18.81 -18.33 -26.20
C TRP A 299 -19.67 -18.26 -27.45
N GLU A 300 -19.26 -17.47 -28.44
CA GLU A 300 -20.06 -17.33 -29.65
C GLU A 300 -20.04 -18.59 -30.50
N THR A 301 -18.92 -19.32 -30.51
CA THR A 301 -18.82 -20.54 -31.27
C THR A 301 -19.15 -21.80 -30.47
N GLY A 302 -19.07 -21.72 -29.14
CA GLY A 302 -19.40 -22.83 -28.28
C GLY A 302 -18.26 -23.78 -27.99
N GLU A 303 -17.24 -23.82 -28.85
CA GLU A 303 -16.10 -24.71 -28.65
C GLU A 303 -15.03 -24.04 -27.81
N GLY A 304 -14.36 -24.84 -26.98
CA GLY A 304 -13.36 -24.32 -26.07
C GLY A 304 -13.90 -23.77 -24.77
N LEU A 305 -15.19 -23.98 -24.49
CA LEU A 305 -15.77 -23.47 -23.25
C LEU A 305 -15.21 -24.19 -22.02
N GLU A 306 -14.79 -25.44 -22.19
CA GLU A 306 -14.18 -26.17 -21.08
C GLU A 306 -12.90 -25.51 -20.61
N ARG A 307 -12.14 -24.92 -21.53
CA ARG A 307 -10.91 -24.21 -21.15
C ARG A 307 -11.24 -22.92 -20.40
N VAL A 308 -12.28 -22.22 -20.84
CA VAL A 308 -12.66 -20.98 -20.17
C VAL A 308 -13.22 -21.27 -18.78
N ALA A 309 -13.94 -22.39 -18.63
CA ALA A 309 -14.46 -22.75 -17.32
C ALA A 309 -13.34 -22.99 -16.32
N ARG A 310 -12.24 -23.60 -16.76
CA ARG A 310 -11.10 -23.79 -15.88
C ARG A 310 -10.46 -22.47 -15.48
N TYR A 311 -10.47 -21.48 -16.39
CA TYR A 311 -9.90 -20.18 -16.08
C TYR A 311 -10.70 -19.46 -15.00
N SER A 312 -12.01 -19.39 -15.17
CA SER A 312 -12.85 -18.74 -14.16
C SER A 312 -12.82 -19.51 -12.85
N MET A 313 -12.80 -20.85 -12.92
CA MET A 313 -12.67 -21.65 -11.71
C MET A 313 -11.38 -21.33 -10.98
N GLU A 314 -10.25 -21.34 -11.69
CA GLU A 314 -8.98 -21.03 -11.06
C GLU A 314 -8.94 -19.59 -10.56
N ASP A 315 -9.64 -18.67 -11.25
CA ASP A 315 -9.70 -17.29 -10.79
C ASP A 315 -10.28 -17.21 -9.39
N ALA A 316 -11.31 -18.01 -9.10
CA ALA A 316 -11.90 -18.01 -7.76
C ALA A 316 -11.03 -18.79 -6.78
N LYS A 317 -10.50 -19.95 -7.21
CA LYS A 317 -9.67 -20.75 -6.32
C LYS A 317 -8.38 -20.03 -5.95
N VAL A 318 -7.72 -19.42 -6.94
CA VAL A 318 -6.49 -18.67 -6.67
C VAL A 318 -6.77 -17.51 -5.73
N THR A 319 -7.92 -16.84 -5.91
CA THR A 319 -8.26 -15.71 -5.06
C THR A 319 -8.54 -16.16 -3.63
N TYR A 320 -9.14 -17.33 -3.45
CA TYR A 320 -9.38 -17.82 -2.10
C TYR A 320 -8.09 -18.27 -1.43
N GLU A 321 -7.21 -18.92 -2.18
CA GLU A 321 -5.92 -19.33 -1.61
C GLU A 321 -5.07 -18.11 -1.29
N LEU A 322 -5.13 -17.07 -2.11
CA LEU A 322 -4.39 -15.85 -1.83
C LEU A 322 -5.00 -15.09 -0.66
N GLY A 323 -6.33 -15.02 -0.61
CA GLY A 323 -6.98 -14.32 0.49
C GLY A 323 -6.86 -15.03 1.81
N LYS A 324 -6.69 -16.35 1.80
CA LYS A 324 -6.50 -17.11 3.04
C LYS A 324 -5.16 -16.81 3.68
N GLU A 325 -4.17 -16.38 2.91
CA GLU A 325 -2.83 -16.13 3.43
C GLU A 325 -2.64 -14.69 3.90
N PHE A 326 -3.28 -13.72 3.24
CA PHE A 326 -3.05 -12.32 3.51
C PHE A 326 -4.06 -11.72 4.50
N LEU A 327 -5.15 -12.41 4.78
CA LEU A 327 -6.08 -11.93 5.79
C LEU A 327 -5.47 -11.84 7.19
N PRO A 328 -4.71 -12.82 7.68
CA PRO A 328 -4.13 -12.67 9.02
C PRO A 328 -3.24 -11.45 9.18
N MET A 329 -2.51 -11.06 8.13
CA MET A 329 -1.68 -9.86 8.22
C MET A 329 -2.54 -8.61 8.37
N GLU A 330 -3.60 -8.50 7.55
CA GLU A 330 -4.46 -7.32 7.62
C GLU A 330 -5.30 -7.31 8.89
N ALA A 331 -5.66 -8.49 9.41
CA ALA A 331 -6.42 -8.54 10.65
C ALA A 331 -5.63 -7.95 11.81
N GLN A 332 -4.34 -8.29 11.91
CA GLN A 332 -3.50 -7.70 12.93
C GLN A 332 -3.26 -6.22 12.64
N LEU A 333 -3.12 -5.86 11.35
CA LEU A 333 -2.98 -4.47 10.99
C LEU A 333 -4.21 -3.67 11.38
N SER A 334 -5.40 -4.25 11.20
CA SER A 334 -6.62 -3.59 11.67
C SER A 334 -6.65 -3.48 13.18
N ARG A 335 -6.02 -4.43 13.88
CA ARG A 335 -5.93 -4.36 15.33
C ARG A 335 -5.03 -3.22 15.77
N LEU A 336 -3.86 -3.09 15.13
CA LEU A 336 -2.90 -2.07 15.56
C LEU A 336 -3.41 -0.67 15.28
N VAL A 337 -3.97 -0.44 14.09
CA VAL A 337 -4.44 0.89 13.73
C VAL A 337 -5.75 1.20 14.45
N GLY A 338 -6.59 0.20 14.68
CA GLY A 338 -7.85 0.41 15.36
C GLY A 338 -9.03 0.73 14.47
N HIS A 339 -8.97 0.36 13.20
CA HIS A 339 -10.04 0.57 12.24
C HIS A 339 -10.42 -0.75 11.60
N PRO A 340 -11.62 -0.87 11.04
CA PRO A 340 -12.04 -2.15 10.47
C PRO A 340 -11.12 -2.61 9.33
N LEU A 341 -11.17 -3.92 9.07
CA LEU A 341 -10.37 -4.49 8.00
C LEU A 341 -10.73 -3.87 6.64
N TRP A 342 -12.02 -3.55 6.45
CA TRP A 342 -12.44 -3.01 5.17
C TRP A 342 -11.77 -1.68 4.87
N ASP A 343 -11.66 -0.82 5.88
CA ASP A 343 -11.04 0.50 5.66
C ASP A 343 -9.52 0.43 5.68
N VAL A 344 -8.94 -0.44 6.50
CA VAL A 344 -7.48 -0.47 6.65
C VAL A 344 -6.82 -1.10 5.43
N SER A 345 -7.39 -2.19 4.92
CA SER A 345 -6.79 -2.88 3.79
C SER A 345 -6.76 -2.05 2.52
N ARG A 346 -7.54 -0.97 2.47
CA ARG A 346 -7.60 -0.10 1.29
C ARG A 346 -6.89 1.22 1.49
N SER A 347 -6.24 1.43 2.64
CA SER A 347 -5.63 2.71 2.97
C SER A 347 -4.12 2.63 2.85
N SER A 348 -3.50 3.76 2.57
CA SER A 348 -2.06 3.86 2.46
C SER A 348 -1.49 4.23 3.83
N THR A 349 -0.29 4.81 3.85
CA THR A 349 0.38 5.10 5.12
C THR A 349 -0.27 6.31 5.82
N GLY A 350 -0.71 7.30 5.05
CA GLY A 350 -1.18 8.53 5.64
C GLY A 350 -2.34 8.34 6.61
N ASN A 351 -3.32 7.52 6.21
CA ASN A 351 -4.48 7.31 7.07
C ASN A 351 -4.23 6.22 8.11
N LEU A 352 -3.35 5.26 7.81
CA LEU A 352 -3.00 4.26 8.82
C LEU A 352 -2.30 4.90 10.01
N VAL A 353 -1.58 6.00 9.78
CA VAL A 353 -0.99 6.75 10.88
C VAL A 353 -2.05 7.62 11.55
N GLU A 354 -2.74 8.45 10.76
CA GLU A 354 -3.66 9.44 11.32
C GLU A 354 -4.82 8.80 12.07
N TRP A 355 -5.30 7.65 11.61
CA TRP A 355 -6.41 6.99 12.30
C TRP A 355 -5.99 6.51 13.68
N TYR A 356 -4.80 5.90 13.78
CA TYR A 356 -4.31 5.48 15.08
C TYR A 356 -4.05 6.68 15.98
N LEU A 357 -3.56 7.77 15.41
CA LEU A 357 -3.33 8.98 16.20
C LEU A 357 -4.65 9.57 16.69
N LEU A 358 -5.70 9.50 15.87
CA LEU A 358 -7.01 10.01 16.28
C LEU A 358 -7.56 9.21 17.46
N ARG A 359 -7.41 7.89 17.41
CA ARG A 359 -7.89 7.06 18.51
C ARG A 359 -7.10 7.33 19.80
N LYS A 360 -5.78 7.45 19.69
CA LYS A 360 -4.96 7.70 20.87
C LYS A 360 -5.12 9.13 21.37
N ALA A 361 -5.38 10.09 20.47
CA ALA A 361 -5.61 11.47 20.90
C ALA A 361 -6.88 11.58 21.74
N TYR A 362 -7.89 10.78 21.43
CA TYR A 362 -9.10 10.78 22.25
C TYR A 362 -8.84 10.19 23.63
N GLU A 363 -7.93 9.21 23.73
CA GLU A 363 -7.62 8.62 25.03
C GLU A 363 -6.93 9.61 25.95
N ARG A 364 -6.13 10.51 25.40
CA ARG A 364 -5.38 11.48 26.19
C ARG A 364 -6.07 12.84 26.27
N ASN A 365 -7.36 12.91 25.91
CA ASN A 365 -8.09 14.17 25.88
C ASN A 365 -7.39 15.20 24.99
N GLU A 366 -6.67 14.73 23.98
CA GLU A 366 -5.91 15.59 23.09
C GLU A 366 -6.77 16.00 21.91
N LEU A 367 -7.06 17.30 21.81
CA LEU A 367 -7.86 17.81 20.70
C LEU A 367 -7.06 17.72 19.41
N ALA A 368 -7.60 17.01 18.43
CA ALA A 368 -6.86 16.79 17.19
C ALA A 368 -6.92 18.03 16.30
N PRO A 369 -5.82 18.40 15.67
CA PRO A 369 -5.85 19.49 14.69
C PRO A 369 -6.61 19.06 13.44
N ASN A 370 -7.03 20.07 12.68
CA ASN A 370 -7.84 19.83 11.49
C ASN A 370 -6.96 19.54 10.28
N LYS A 371 -7.51 18.80 9.33
CA LYS A 371 -6.87 18.66 8.03
C LYS A 371 -6.80 20.03 7.37
N PRO A 372 -5.76 20.33 6.61
CA PRO A 372 -5.64 21.67 6.02
C PRO A 372 -6.64 21.87 4.91
N ASP A 373 -7.01 23.14 4.69
CA ASP A 373 -7.81 23.49 3.52
C ASP A 373 -6.98 23.32 2.26
N GLU A 374 -7.60 23.62 1.11
CA GLU A 374 -6.88 23.46 -0.15
C GLU A 374 -5.63 24.33 -0.19
N ARG A 375 -5.71 25.55 0.35
CA ARG A 375 -4.58 26.46 0.28
C ARG A 375 -3.42 25.98 1.13
N GLU A 376 -3.67 25.69 2.41
CA GLU A 376 -2.59 25.22 3.28
C GLU A 376 -2.00 23.91 2.79
N TYR A 377 -2.79 23.08 2.12
CA TYR A 377 -2.26 21.85 1.54
C TYR A 377 -1.27 22.17 0.42
N GLU A 378 -1.62 23.11 -0.46
CA GLU A 378 -0.72 23.48 -1.54
C GLU A 378 0.53 24.17 -1.01
N ARG A 379 0.43 24.87 0.11
CA ARG A 379 1.60 25.48 0.71
C ARG A 379 2.55 24.42 1.27
N ARG A 380 2.00 23.37 1.88
CA ARG A 380 2.83 22.28 2.38
C ARG A 380 3.33 21.40 1.25
N LEU A 381 2.65 21.38 0.10
CA LEU A 381 3.10 20.57 -1.02
C LEU A 381 4.45 21.06 -1.54
N ARG A 382 4.54 22.35 -1.85
CA ARG A 382 5.81 22.92 -2.33
C ARG A 382 6.87 22.90 -1.24
N GLU A 383 6.45 22.93 0.03
CA GLU A 383 7.41 22.89 1.13
C GLU A 383 8.16 21.57 1.13
N SER A 384 9.47 21.64 1.38
CA SER A 384 10.30 20.45 1.42
C SER A 384 11.46 20.69 2.38
N TYR A 385 12.37 19.71 2.45
CA TYR A 385 13.48 19.76 3.37
C TYR A 385 14.54 18.77 2.91
N ALA A 386 15.71 18.84 3.53
CA ALA A 386 16.80 17.95 3.18
C ALA A 386 16.50 16.53 3.66
N GLY A 387 16.89 15.55 2.86
CA GLY A 387 16.63 14.15 3.13
C GLY A 387 17.83 13.42 3.68
N GLY A 388 18.06 12.21 3.15
CA GLY A 388 19.14 11.38 3.63
C GLY A 388 20.45 11.62 2.90
N TYR A 389 21.53 11.16 3.52
CA TYR A 389 22.87 11.33 2.97
C TYR A 389 23.23 10.13 2.09
N VAL A 390 23.60 10.41 0.85
CA VAL A 390 24.06 9.41 -0.09
C VAL A 390 25.47 9.79 -0.53
N LYS A 391 26.43 8.90 -0.27
CA LYS A 391 27.82 9.14 -0.63
C LYS A 391 28.09 8.61 -2.02
N GLU A 392 28.78 9.41 -2.83
CA GLU A 392 29.21 8.96 -4.15
C GLU A 392 30.11 7.73 -3.98
N PRO A 393 29.73 6.58 -4.52
CA PRO A 393 30.43 5.34 -4.17
C PRO A 393 31.85 5.30 -4.70
N GLU A 394 32.68 4.50 -4.04
CA GLU A 394 34.03 4.25 -4.48
C GLU A 394 33.99 3.20 -5.60
N LYS A 395 34.35 3.61 -6.80
CA LYS A 395 34.28 2.72 -7.95
C LYS A 395 35.31 1.60 -7.84
N GLY A 396 35.10 0.56 -8.65
CA GLY A 396 36.00 -0.57 -8.71
C GLY A 396 35.49 -1.77 -7.94
N LEU A 397 36.18 -2.90 -8.14
CA LEU A 397 35.86 -4.12 -7.43
C LEU A 397 36.52 -4.13 -6.05
N TRP A 398 35.78 -4.59 -5.05
CA TRP A 398 36.26 -4.61 -3.68
C TRP A 398 36.02 -5.98 -3.06
N GLU A 399 36.82 -6.30 -2.04
CA GLU A 399 36.85 -7.63 -1.45
C GLU A 399 36.38 -7.58 0.00
N ASN A 400 35.59 -8.57 0.39
CA ASN A 400 35.22 -8.85 1.77
C ASN A 400 34.60 -7.61 2.44
N ILE A 401 33.41 -7.26 1.97
CA ILE A 401 32.69 -6.08 2.44
C ILE A 401 31.58 -6.53 3.39
N VAL A 402 31.38 -5.74 4.45
CA VAL A 402 30.30 -5.97 5.39
C VAL A 402 29.29 -4.84 5.27
N TYR A 403 28.03 -5.16 5.50
CA TYR A 403 26.93 -4.21 5.43
C TYR A 403 26.43 -3.95 6.84
N LEU A 404 26.53 -2.71 7.29
CA LEU A 404 26.07 -2.29 8.61
C LEU A 404 24.94 -1.29 8.43
N ASP A 405 23.78 -1.60 9.02
CA ASP A 405 22.60 -0.76 8.88
C ASP A 405 22.02 -0.46 10.25
N PHE A 406 21.41 0.72 10.37
CA PHE A 406 20.77 1.12 11.62
C PHE A 406 19.40 0.47 11.76
N ARG A 407 19.06 0.08 12.97
CA ARG A 407 17.79 -0.60 13.25
C ARG A 407 16.71 0.45 13.49
N SER A 408 15.77 0.55 12.55
CA SER A 408 14.65 1.48 12.63
C SER A 408 15.12 2.90 12.96
N LEU A 409 15.99 3.42 12.10
CA LEU A 409 16.69 4.67 12.39
C LEU A 409 15.71 5.81 12.65
N TYR A 410 14.80 6.05 11.71
CA TYR A 410 13.88 7.18 11.81
C TYR A 410 12.93 7.03 12.99
N PRO A 411 12.33 5.84 13.24
CA PRO A 411 11.57 5.69 14.48
C PRO A 411 12.43 5.76 15.73
N SER A 412 13.67 5.26 15.67
CA SER A 412 14.55 5.37 16.84
C SER A 412 14.87 6.83 17.14
N ILE A 413 15.10 7.63 16.11
CA ILE A 413 15.40 9.04 16.32
C ILE A 413 14.19 9.77 16.87
N ILE A 414 12.99 9.39 16.42
CA ILE A 414 11.78 10.05 16.90
C ILE A 414 11.57 9.79 18.39
N ILE A 415 11.82 8.56 18.83
CA ILE A 415 11.60 8.22 20.24
C ILE A 415 12.77 8.67 21.11
N THR A 416 14.00 8.49 20.62
CA THR A 416 15.16 8.88 21.41
C THR A 416 15.20 10.38 21.66
N HIS A 417 14.88 11.17 20.64
CA HIS A 417 14.95 12.63 20.73
C HIS A 417 13.60 13.28 20.98
N ASN A 418 12.53 12.48 21.10
CA ASN A 418 11.19 12.98 21.41
C ASN A 418 10.73 14.01 20.36
N VAL A 419 10.82 13.61 19.11
CA VAL A 419 10.42 14.49 18.00
C VAL A 419 8.90 14.45 17.86
N SER A 420 8.25 15.58 18.10
CA SER A 420 6.79 15.65 18.08
C SER A 420 6.32 17.10 18.01
N PRO A 421 5.19 17.38 17.35
CA PRO A 421 4.71 18.77 17.28
C PRO A 421 4.33 19.35 18.63
N ASP A 422 3.87 18.53 19.57
CA ASP A 422 3.60 18.97 20.93
C ASP A 422 4.87 19.08 21.77
N THR A 423 6.02 19.08 21.12
CA THR A 423 7.31 19.08 21.81
C THR A 423 8.24 20.10 21.16
N LEU A 424 8.05 20.34 19.86
CA LEU A 424 8.87 21.28 19.11
C LEU A 424 8.86 22.67 19.72
N ASN A 425 10.01 23.07 20.30
CA ASN A 425 10.18 24.40 20.89
C ASN A 425 9.13 24.68 21.95
N ARG A 426 8.98 23.73 22.88
CA ARG A 426 8.07 23.90 24.01
C ARG A 426 8.73 24.74 25.10
N GLU A 427 8.03 25.79 25.52
CA GLU A 427 8.59 26.71 26.51
C GLU A 427 8.55 26.10 27.91
N GLY A 428 9.55 26.45 28.71
CA GLY A 428 9.55 26.11 30.11
C GLY A 428 10.11 24.75 30.48
N CYS A 429 10.81 24.10 29.58
CA CYS A 429 11.38 22.78 29.88
C CYS A 429 12.78 22.93 30.45
N LYS A 430 13.20 21.90 31.19
CA LYS A 430 14.53 21.87 31.79
C LYS A 430 15.52 21.04 30.99
N GLU A 431 15.05 20.19 30.08
CA GLU A 431 15.91 19.36 29.26
C GLU A 431 15.44 19.44 27.81
N TYR A 432 16.39 19.62 26.89
CA TYR A 432 16.08 19.74 25.48
C TYR A 432 17.04 18.87 24.67
N ASP A 433 16.60 18.54 23.45
CA ASP A 433 17.42 17.83 22.47
C ASP A 433 17.42 18.64 21.19
N VAL A 434 18.54 19.27 20.88
CA VAL A 434 18.64 20.15 19.72
C VAL A 434 19.04 19.33 18.50
N ALA A 435 18.36 19.57 17.38
CA ALA A 435 18.70 18.87 16.15
C ALA A 435 19.80 19.60 15.39
N PRO A 436 20.73 18.86 14.79
CA PRO A 436 21.79 19.51 14.01
C PRO A 436 21.23 20.18 12.77
N GLN A 437 22.05 21.05 12.17
CA GLN A 437 21.71 21.78 10.95
C GLN A 437 20.48 22.65 11.13
N VAL A 438 19.33 22.03 11.38
CA VAL A 438 18.07 22.78 11.43
C VAL A 438 17.95 23.56 12.72
N GLY A 439 18.42 23.00 13.84
CA GLY A 439 18.44 23.71 15.10
C GLY A 439 17.14 23.68 15.89
N HIS A 440 16.18 22.85 15.51
CA HIS A 440 14.93 22.78 16.24
C HIS A 440 15.13 22.13 17.60
N ARG A 441 14.58 22.74 18.65
CA ARG A 441 14.67 22.20 20.00
C ARG A 441 13.45 21.31 20.29
N PHE A 442 13.66 20.30 21.13
CA PHE A 442 12.60 19.36 21.48
C PHE A 442 12.65 19.07 22.96
N CYS A 443 11.56 19.38 23.66
CA CYS A 443 11.45 19.12 25.08
C CYS A 443 11.59 17.63 25.38
N LYS A 444 12.08 17.31 26.57
CA LYS A 444 12.30 15.92 26.97
C LYS A 444 11.77 15.61 28.37
N ASP A 445 11.09 16.56 29.03
CA ASP A 445 10.62 16.35 30.39
C ASP A 445 9.49 15.34 30.46
N PHE A 446 8.84 15.03 29.33
CA PHE A 446 7.73 14.09 29.29
C PHE A 446 7.65 13.51 27.89
N PRO A 447 7.19 12.27 27.74
CA PRO A 447 7.11 11.67 26.40
C PRO A 447 6.10 12.41 25.53
N GLY A 448 6.54 12.82 24.35
CA GLY A 448 5.66 13.48 23.40
C GLY A 448 4.57 12.55 22.91
N PHE A 449 3.60 13.15 22.22
CA PHE A 449 2.43 12.39 21.76
C PHE A 449 2.85 11.25 20.85
N ILE A 450 3.46 11.57 19.71
CA ILE A 450 3.84 10.56 18.72
C ILE A 450 4.92 9.63 19.27
N PRO A 451 6.01 10.12 19.88
CA PRO A 451 7.03 9.18 20.38
C PRO A 451 6.51 8.17 21.38
N SER A 452 5.50 8.53 22.18
CA SER A 452 4.91 7.57 23.10
C SER A 452 4.16 6.47 22.37
N LEU A 453 3.70 6.73 21.15
CA LEU A 453 2.98 5.73 20.37
C LEU A 453 3.90 4.87 19.51
N LEU A 454 4.94 5.47 18.93
CA LEU A 454 5.81 4.74 18.01
C LEU A 454 6.59 3.64 18.70
N GLY A 455 6.69 3.66 20.03
CA GLY A 455 7.44 2.63 20.71
C GLY A 455 6.87 1.24 20.51
N ASP A 456 5.56 1.09 20.76
CA ASP A 456 4.91 -0.20 20.64
C ASP A 456 4.90 -0.73 19.21
N LEU A 457 4.97 0.16 18.21
CA LEU A 457 4.98 -0.30 16.82
C LEU A 457 6.28 -1.03 16.48
N LEU A 458 7.40 -0.54 17.01
CA LEU A 458 8.68 -1.21 16.77
C LEU A 458 8.73 -2.57 17.44
N GLU A 459 8.10 -2.69 18.62
CA GLU A 459 8.06 -3.98 19.30
C GLU A 459 7.29 -5.00 18.50
N GLU A 460 6.20 -4.58 17.85
CA GLU A 460 5.42 -5.49 17.02
C GLU A 460 6.25 -5.96 15.82
N ARG A 461 7.03 -5.05 15.23
CA ARG A 461 7.87 -5.43 14.11
C ARG A 461 8.94 -6.43 14.52
N GLN A 462 9.59 -6.19 15.66
CA GLN A 462 10.57 -7.13 16.18
C GLN A 462 9.92 -8.43 16.65
N LYS A 463 8.62 -8.39 16.96
CA LYS A 463 7.93 -9.62 17.36
C LYS A 463 7.74 -10.55 16.17
N ILE A 464 7.41 -9.99 15.00
CA ILE A 464 7.26 -10.82 13.81
C ILE A 464 8.62 -11.25 13.26
N LYS A 465 9.60 -10.35 13.31
CA LYS A 465 10.94 -10.72 12.86
C LYS A 465 11.52 -11.87 13.67
N ARG A 466 11.26 -11.87 14.98
CA ARG A 466 11.72 -12.97 15.83
C ARG A 466 11.02 -14.28 15.47
N LYS A 467 9.77 -14.19 15.00
CA LYS A 467 9.05 -15.39 14.54
C LYS A 467 9.49 -15.85 13.16
N MET A 468 10.14 -14.97 12.38
CA MET A 468 10.53 -15.35 11.02
C MET A 468 11.68 -16.34 11.02
N LYS A 469 12.70 -16.09 11.83
CA LYS A 469 13.83 -17.01 11.88
C LYS A 469 13.44 -18.33 12.53
N ALA A 470 12.45 -18.32 13.41
CA ALA A 470 12.00 -19.54 14.08
C ALA A 470 11.04 -20.37 13.23
N THR A 471 10.56 -19.84 12.11
CA THR A 471 9.69 -20.58 11.21
C THR A 471 10.53 -21.16 10.08
N VAL A 472 10.29 -22.43 9.75
CA VAL A 472 11.13 -23.15 8.81
C VAL A 472 10.46 -23.34 7.45
N ASP A 473 9.14 -23.48 7.39
CA ASP A 473 8.45 -23.67 6.12
C ASP A 473 8.60 -22.40 5.27
N LEU A 474 8.95 -22.59 3.99
CA LEU A 474 9.34 -21.46 3.15
C LEU A 474 8.17 -20.52 2.88
N LEU A 475 6.94 -21.01 2.94
CA LEU A 475 5.80 -20.15 2.67
C LEU A 475 5.49 -19.23 3.84
N GLU A 476 5.37 -19.80 5.04
CA GLU A 476 5.09 -18.96 6.22
C GLU A 476 6.17 -17.91 6.41
N LYS A 477 7.44 -18.30 6.23
CA LYS A 477 8.54 -17.35 6.37
C LYS A 477 8.43 -16.22 5.35
N LYS A 478 7.96 -16.53 4.13
CA LYS A 478 7.77 -15.51 3.12
C LYS A 478 6.65 -14.55 3.51
N LEU A 479 5.58 -15.06 4.12
CA LEU A 479 4.48 -14.20 4.55
C LEU A 479 4.88 -13.37 5.76
N LEU A 480 5.73 -13.91 6.65
CA LEU A 480 6.18 -13.14 7.80
C LEU A 480 7.09 -11.99 7.40
N ASP A 481 7.88 -12.17 6.33
CA ASP A 481 8.68 -11.06 5.82
C ASP A 481 7.79 -9.96 5.26
N TYR A 482 6.74 -10.34 4.54
CA TYR A 482 5.75 -9.35 4.09
C TYR A 482 5.14 -8.62 5.28
N ARG A 483 4.85 -9.36 6.36
CA ARG A 483 4.26 -8.75 7.55
C ARG A 483 5.20 -7.74 8.18
N GLN A 484 6.45 -8.15 8.42
CA GLN A 484 7.43 -7.25 9.02
C GLN A 484 7.72 -6.06 8.13
N ARG A 485 7.82 -6.28 6.81
CA ARG A 485 8.03 -5.17 5.89
C ARG A 485 6.85 -4.21 5.87
N ARG A 486 5.64 -4.72 6.13
CA ARG A 486 4.48 -3.85 6.22
C ARG A 486 4.53 -2.99 7.48
N ILE A 487 4.99 -3.56 8.60
CA ILE A 487 5.10 -2.79 9.82
C ILE A 487 6.28 -1.83 9.76
N LYS A 488 7.37 -2.25 9.11
CA LYS A 488 8.54 -1.39 8.99
C LYS A 488 8.22 -0.12 8.20
N ILE A 489 7.46 -0.26 7.11
CA ILE A 489 7.06 0.90 6.34
C ILE A 489 6.09 1.76 7.15
N LEU A 490 5.22 1.13 7.93
CA LEU A 490 4.27 1.89 8.76
C LEU A 490 5.01 2.69 9.83
N ALA A 491 6.05 2.10 10.44
CA ALA A 491 6.80 2.80 11.48
C ALA A 491 7.49 4.04 10.91
N SER A 492 8.24 3.86 9.82
CA SER A 492 8.90 5.00 9.19
C SER A 492 7.90 5.98 8.59
N GLY A 493 6.66 5.55 8.35
CA GLY A 493 5.63 6.45 7.87
C GLY A 493 5.28 7.53 8.86
N TYR A 494 5.56 7.33 10.15
CA TYR A 494 5.34 8.38 11.13
C TYR A 494 6.28 9.56 10.91
N TYR A 495 7.48 9.30 10.37
CA TYR A 495 8.35 10.41 9.98
C TYR A 495 7.78 11.13 8.76
N GLY A 496 7.40 10.38 7.73
CA GLY A 496 6.84 11.00 6.54
C GLY A 496 5.54 11.72 6.81
N TYR A 497 4.77 11.25 7.80
CA TYR A 497 3.57 11.95 8.22
C TYR A 497 3.88 13.37 8.66
N TYR A 498 5.06 13.60 9.24
CA TYR A 498 5.44 14.94 9.68
C TYR A 498 5.52 15.91 8.51
N GLY A 499 5.99 15.42 7.36
CA GLY A 499 6.04 16.20 6.14
C GLY A 499 4.89 15.95 5.18
N TYR A 500 3.87 15.22 5.60
CA TYR A 500 2.74 14.91 4.74
C TYR A 500 1.78 16.10 4.71
N ALA A 501 1.53 16.62 3.51
CA ALA A 501 0.79 17.88 3.38
C ALA A 501 -0.62 17.80 3.94
N ARG A 502 -1.26 16.63 3.87
CA ARG A 502 -2.61 16.45 4.36
C ARG A 502 -2.67 15.96 5.80
N ALA A 503 -1.55 15.99 6.51
CA ALA A 503 -1.51 15.45 7.86
C ALA A 503 -2.13 16.42 8.85
N ARG A 504 -2.93 15.88 9.78
CA ARG A 504 -3.45 16.70 10.88
C ARG A 504 -2.33 17.21 11.75
N TRP A 505 -1.45 16.31 12.19
CA TRP A 505 -0.29 16.66 13.01
C TRP A 505 0.93 16.93 12.13
N TYR A 506 0.76 17.80 11.14
CA TYR A 506 1.85 18.12 10.22
C TYR A 506 2.90 18.97 10.94
N CYS A 507 4.12 18.44 11.01
CA CYS A 507 5.24 19.12 11.68
C CYS A 507 6.45 19.01 10.77
N LYS A 508 6.64 20.02 9.92
CA LYS A 508 7.80 20.01 9.02
C LYS A 508 9.10 20.05 9.81
N GLU A 509 9.17 20.93 10.81
CA GLU A 509 10.37 21.02 11.65
C GLU A 509 10.70 19.69 12.29
N CYS A 510 9.70 18.87 12.57
CA CYS A 510 9.96 17.51 13.05
C CYS A 510 10.60 16.67 11.95
N ALA A 511 10.15 16.83 10.71
CA ALA A 511 10.69 16.03 9.62
C ALA A 511 12.11 16.47 9.26
N GLU A 512 12.37 17.79 9.25
CA GLU A 512 13.73 18.26 9.03
C GLU A 512 14.68 17.71 10.07
N SER A 513 14.24 17.67 11.33
CA SER A 513 15.10 17.22 12.41
C SER A 513 15.45 15.73 12.27
N VAL A 514 14.47 14.91 11.90
CA VAL A 514 14.69 13.48 11.82
C VAL A 514 15.75 13.15 10.77
N THR A 515 15.65 13.76 9.60
CA THR A 515 16.65 13.54 8.57
C THR A 515 17.96 14.23 8.92
N ALA A 516 17.92 15.36 9.63
CA ALA A 516 19.14 16.01 10.07
C ALA A 516 19.89 15.14 11.06
N TRP A 517 19.18 14.60 12.06
CA TRP A 517 19.79 13.64 12.97
C TRP A 517 20.26 12.41 12.21
N GLY A 518 19.46 11.95 11.25
CA GLY A 518 19.87 10.78 10.46
C GLY A 518 21.14 11.03 9.68
N ARG A 519 21.29 12.23 9.11
CA ARG A 519 22.51 12.56 8.38
C ARG A 519 23.69 12.67 9.32
N GLN A 520 23.49 13.22 10.52
CA GLN A 520 24.58 13.35 11.47
C GLN A 520 25.01 12.00 12.02
N TYR A 521 24.05 11.11 12.27
CA TYR A 521 24.38 9.82 12.87
C TYR A 521 25.02 8.87 11.87
N ILE A 522 24.74 9.01 10.58
CA ILE A 522 25.39 8.15 9.60
C ILE A 522 26.77 8.68 9.23
N GLU A 523 26.95 10.00 9.18
CA GLU A 523 28.24 10.57 8.84
C GLU A 523 29.23 10.48 9.99
N THR A 524 28.75 10.57 11.23
CA THR A 524 29.65 10.41 12.37
C THR A 524 30.08 8.95 12.53
N THR A 525 29.14 8.01 12.36
CA THR A 525 29.48 6.59 12.46
C THR A 525 30.42 6.18 11.34
N ILE A 526 30.24 6.75 10.14
CA ILE A 526 31.14 6.44 9.02
C ILE A 526 32.56 6.88 9.35
N ARG A 527 32.69 8.09 9.90
CA ARG A 527 34.01 8.60 10.25
C ARG A 527 34.64 7.76 11.36
N GLU A 528 33.85 7.39 12.36
CA GLU A 528 34.38 6.60 13.47
C GLU A 528 34.93 5.26 13.01
N ILE A 529 34.23 4.59 12.09
CA ILE A 529 34.68 3.29 11.63
C ILE A 529 35.88 3.39 10.72
N GLU A 530 36.14 4.55 10.13
CA GLU A 530 37.24 4.69 9.19
C GLU A 530 38.56 5.03 9.88
N GLU A 531 38.55 5.95 10.84
CA GLU A 531 39.78 6.36 11.51
C GLU A 531 40.11 5.50 12.72
N LYS A 532 39.10 4.93 13.38
CA LYS A 532 39.32 4.23 14.64
C LYS A 532 39.43 2.71 14.47
N PHE A 533 38.93 2.15 13.38
CA PHE A 533 38.94 0.72 13.17
C PHE A 533 39.55 0.29 11.84
N GLY A 534 39.97 1.24 11.00
CA GLY A 534 40.64 0.90 9.76
C GLY A 534 39.74 0.52 8.61
N PHE A 535 38.42 0.66 8.77
CA PHE A 535 37.50 0.34 7.69
C PHE A 535 37.55 1.42 6.61
N LYS A 536 36.97 1.11 5.46
CA LYS A 536 36.91 2.04 4.33
C LYS A 536 35.50 2.01 3.77
N VAL A 537 34.70 3.03 4.09
CA VAL A 537 33.32 3.10 3.62
C VAL A 537 33.34 3.34 2.12
N LEU A 538 32.88 2.35 1.35
CA LEU A 538 32.82 2.48 -0.10
C LEU A 538 31.54 3.14 -0.57
N TYR A 539 30.43 2.94 0.14
CA TYR A 539 29.14 3.47 -0.28
C TYR A 539 28.23 3.54 0.94
N ALA A 540 27.39 4.58 0.99
CA ALA A 540 26.49 4.78 2.11
C ALA A 540 25.20 5.43 1.61
N ASP A 541 24.08 5.03 2.20
CA ASP A 541 22.78 5.57 1.84
C ASP A 541 21.93 5.69 3.09
N THR A 542 21.75 6.93 3.56
CA THR A 542 20.84 7.27 4.66
C THR A 542 21.26 6.65 6.00
N ASP A 543 21.11 5.33 6.14
CA ASP A 543 21.31 4.69 7.43
C ASP A 543 22.15 3.42 7.35
N GLY A 544 22.90 3.24 6.27
CA GLY A 544 23.74 2.06 6.14
C GLY A 544 24.94 2.35 5.27
N PHE A 545 25.92 1.46 5.35
CA PHE A 545 27.11 1.62 4.52
C PHE A 545 27.79 0.26 4.32
N PHE A 546 28.55 0.17 3.24
CA PHE A 546 29.34 -1.02 2.91
C PHE A 546 30.82 -0.66 3.07
N ALA A 547 31.53 -1.41 3.91
CA ALA A 547 32.93 -1.09 4.19
C ALA A 547 33.75 -2.33 4.46
N PRO A 548 34.88 -2.52 3.77
CA PRO A 548 35.80 -3.60 4.13
C PRO A 548 37.00 -3.10 4.91
N ILE A 549 37.95 -4.00 5.17
CA ILE A 549 39.26 -3.63 5.68
C ILE A 549 40.29 -4.13 4.67
N HIS A 550 41.09 -3.21 4.13
CA HIS A 550 41.99 -3.54 3.04
C HIS A 550 42.97 -4.63 3.45
N GLY A 551 43.07 -5.67 2.64
CA GLY A 551 43.99 -6.76 2.87
C GLY A 551 43.60 -7.73 3.97
N ALA A 552 42.47 -7.50 4.64
CA ALA A 552 42.03 -8.38 5.70
C ALA A 552 41.20 -9.52 5.15
N ASP A 553 41.30 -10.68 5.82
CA ASP A 553 40.51 -11.84 5.43
C ASP A 553 39.05 -11.65 5.82
N ALA A 554 38.23 -12.65 5.52
CA ALA A 554 36.82 -12.57 5.84
C ALA A 554 36.60 -12.54 7.35
N GLU A 555 37.16 -13.53 8.07
CA GLU A 555 36.86 -13.69 9.48
C GLU A 555 37.24 -12.46 10.29
N THR A 556 38.36 -11.81 9.94
CA THR A 556 38.80 -10.65 10.70
C THR A 556 37.90 -9.45 10.46
N VAL A 557 37.44 -9.26 9.22
CA VAL A 557 36.59 -8.11 8.92
C VAL A 557 35.21 -8.28 9.52
N LYS A 558 34.76 -9.53 9.71
CA LYS A 558 33.49 -9.75 10.39
C LYS A 558 33.65 -9.61 11.91
N LYS A 559 34.76 -10.09 12.46
CA LYS A 559 35.00 -9.94 13.88
C LYS A 559 35.17 -8.47 14.26
N LYS A 560 35.93 -7.72 13.47
CA LYS A 560 36.10 -6.30 13.73
C LYS A 560 34.82 -5.51 13.48
N ALA A 561 33.91 -6.04 12.65
CA ALA A 561 32.64 -5.36 12.43
C ALA A 561 31.76 -5.43 13.67
N LYS A 562 31.55 -6.63 14.21
CA LYS A 562 30.80 -6.76 15.45
C LYS A 562 31.53 -6.10 16.62
N GLU A 563 32.85 -6.02 16.55
CA GLU A 563 33.61 -5.29 17.57
C GLU A 563 33.27 -3.80 17.52
N PHE A 564 33.28 -3.21 16.32
CA PHE A 564 32.92 -1.81 16.19
C PHE A 564 31.46 -1.58 16.54
N LEU A 565 30.60 -2.57 16.33
CA LEU A 565 29.18 -2.41 16.65
C LEU A 565 28.99 -2.14 18.14
N ASP A 566 29.67 -2.92 18.99
CA ASP A 566 29.59 -2.69 20.43
C ASP A 566 30.21 -1.35 20.83
N TYR A 567 31.17 -0.85 20.05
CA TYR A 567 31.78 0.43 20.37
C TYR A 567 30.83 1.58 20.06
N ILE A 568 30.27 1.60 18.84
CA ILE A 568 29.40 2.71 18.46
C ILE A 568 28.04 2.61 19.13
N ASN A 569 27.55 1.40 19.44
CA ASN A 569 26.26 1.28 20.10
C ASN A 569 26.32 1.75 21.54
N ALA A 570 27.48 1.58 22.20
CA ALA A 570 27.66 2.11 23.54
C ALA A 570 27.79 3.63 23.53
N LYS A 571 28.14 4.22 22.40
CA LYS A 571 28.23 5.67 22.27
C LYS A 571 26.91 6.30 21.82
N LEU A 572 26.09 5.55 21.08
CA LEU A 572 24.82 6.10 20.62
C LEU A 572 23.84 6.20 21.77
N PRO A 573 23.00 7.24 21.79
CA PRO A 573 22.01 7.38 22.87
C PRO A 573 20.70 6.70 22.55
N GLY A 574 20.02 6.28 23.61
CA GLY A 574 18.66 5.76 23.46
C GLY A 574 18.62 4.49 22.63
N LEU A 575 17.67 4.47 21.68
CA LEU A 575 17.39 3.28 20.87
C LEU A 575 18.25 3.18 19.62
N LEU A 576 19.13 4.15 19.37
CA LEU A 576 20.00 4.06 18.20
C LEU A 576 20.94 2.88 18.34
N GLU A 577 20.86 1.96 17.39
CA GLU A 577 21.63 0.72 17.44
C GLU A 577 22.03 0.31 16.03
N LEU A 578 23.33 0.27 15.77
CA LEU A 578 23.84 -0.19 14.49
C LEU A 578 23.81 -1.71 14.43
N GLU A 579 23.36 -2.25 13.30
CA GLU A 579 23.20 -3.68 13.14
C GLU A 579 24.15 -4.22 12.07
N TYR A 580 24.44 -5.51 12.18
CA TYR A 580 25.25 -6.22 11.20
C TYR A 580 24.29 -6.89 10.20
N GLU A 581 24.23 -6.36 8.99
CA GLU A 581 23.25 -6.77 8.00
C GLU A 581 23.77 -7.83 7.03
N GLY A 582 25.03 -8.19 7.11
CA GLY A 582 25.56 -9.28 6.29
C GLY A 582 26.95 -8.99 5.78
N PHE A 583 27.62 -10.05 5.33
CA PHE A 583 28.96 -9.99 4.76
C PHE A 583 28.89 -10.32 3.28
N TYR A 584 29.72 -9.66 2.49
CA TYR A 584 29.73 -9.86 1.05
C TYR A 584 31.16 -10.13 0.58
N LYS A 585 31.31 -11.20 -0.19
CA LYS A 585 32.60 -11.62 -0.74
C LYS A 585 33.22 -10.53 -1.60
N ARG A 586 32.64 -10.27 -2.76
CA ARG A 586 33.05 -9.19 -3.64
C ARG A 586 31.83 -8.34 -3.98
N GLY A 587 32.06 -7.06 -4.21
CA GLY A 587 30.97 -6.13 -4.43
C GLY A 587 31.32 -5.11 -5.49
N PHE A 588 30.29 -4.71 -6.24
CA PHE A 588 30.39 -3.67 -7.26
C PHE A 588 29.57 -2.47 -6.83
N PHE A 589 30.01 -1.28 -7.25
CA PHE A 589 29.31 -0.04 -6.96
C PHE A 589 29.41 0.86 -8.19
N VAL A 590 28.36 0.85 -9.02
CA VAL A 590 28.39 1.62 -10.26
C VAL A 590 28.25 3.11 -9.97
N THR A 591 27.16 3.50 -9.34
CA THR A 591 26.91 4.90 -9.01
C THR A 591 25.95 4.94 -7.82
N LYS A 592 25.36 6.11 -7.58
CA LYS A 592 24.44 6.26 -6.46
C LYS A 592 23.20 5.38 -6.66
N LYS A 593 22.80 4.71 -5.57
CA LYS A 593 21.61 3.86 -5.54
C LYS A 593 21.67 2.71 -6.54
N LYS A 594 22.87 2.31 -6.96
CA LYS A 594 23.01 1.23 -7.92
C LYS A 594 24.30 0.47 -7.62
N TYR A 595 24.16 -0.81 -7.26
CA TYR A 595 25.31 -1.62 -6.87
C TYR A 595 24.94 -3.09 -7.02
N ALA A 596 25.97 -3.94 -6.98
CA ALA A 596 25.79 -5.38 -7.07
C ALA A 596 26.84 -6.05 -6.20
N VAL A 597 26.39 -6.96 -5.34
CA VAL A 597 27.27 -7.65 -4.40
C VAL A 597 27.03 -9.14 -4.46
N ILE A 598 28.06 -9.91 -4.10
CA ILE A 598 27.96 -11.35 -3.96
C ILE A 598 28.32 -11.72 -2.52
N ASP A 599 27.69 -12.78 -2.02
CA ASP A 599 27.86 -13.19 -0.64
C ASP A 599 28.71 -14.46 -0.56
N GLU A 600 28.82 -15.01 0.65
CA GLU A 600 29.62 -16.21 0.85
C GLU A 600 28.99 -17.43 0.19
N GLU A 601 27.66 -17.44 0.05
CA GLU A 601 26.96 -18.53 -0.60
C GLU A 601 26.74 -18.29 -2.09
N ASP A 602 27.54 -17.41 -2.70
CA ASP A 602 27.52 -17.08 -4.12
C ASP A 602 26.24 -16.40 -4.57
N LYS A 603 25.34 -16.07 -3.64
CA LYS A 603 24.10 -15.39 -4.02
C LYS A 603 24.39 -13.94 -4.39
N ILE A 604 23.68 -13.44 -5.39
CA ILE A 604 23.86 -12.09 -5.91
C ILE A 604 22.76 -11.21 -5.35
N THR A 605 23.14 -10.18 -4.61
CA THR A 605 22.21 -9.16 -4.13
C THR A 605 22.48 -7.86 -4.89
N THR A 606 21.41 -7.20 -5.32
CA THR A 606 21.52 -5.98 -6.09
C THR A 606 20.70 -4.87 -5.44
N GLY A 607 20.95 -3.64 -5.86
CA GLY A 607 20.22 -2.50 -5.35
C GLY A 607 19.92 -1.47 -6.42
N GLY A 608 18.63 -1.29 -6.73
CA GLY A 608 18.19 -0.26 -7.65
C GLY A 608 18.62 -0.45 -9.08
N LEU A 609 19.21 -1.62 -9.38
CA LEU A 609 19.65 -1.88 -10.74
C LEU A 609 18.46 -2.21 -11.64
N GLU A 610 18.73 -2.35 -12.94
CA GLU A 610 17.69 -2.68 -13.89
C GLU A 610 17.14 -4.08 -13.68
N ILE A 611 17.86 -4.94 -12.96
CA ILE A 611 17.36 -6.26 -12.61
C ILE A 611 16.13 -6.17 -11.71
N VAL A 612 15.97 -5.05 -11.00
CA VAL A 612 14.84 -4.87 -10.11
C VAL A 612 13.82 -3.87 -10.67
N ARG A 613 14.26 -2.86 -11.40
CA ARG A 613 13.35 -1.86 -11.96
C ARG A 613 12.31 -2.51 -12.88
N ARG A 614 11.08 -2.02 -12.78
CA ARG A 614 9.98 -2.62 -13.54
C ARG A 614 10.04 -2.27 -15.02
N GLY A 615 10.47 -1.05 -15.34
CA GLY A 615 10.48 -0.59 -16.72
C GLY A 615 11.57 -1.17 -17.59
N TRP A 616 11.91 -2.44 -17.37
CA TRP A 616 12.91 -3.13 -18.16
C TRP A 616 12.41 -4.52 -18.49
N SER A 617 12.49 -4.90 -19.76
CA SER A 617 11.98 -6.18 -20.21
C SER A 617 12.76 -7.33 -19.56
N GLU A 618 12.17 -8.53 -19.66
CA GLU A 618 12.78 -9.70 -19.03
C GLU A 618 14.10 -10.07 -19.68
N ILE A 619 14.21 -9.92 -21.00
CA ILE A 619 15.47 -10.21 -21.68
C ILE A 619 16.58 -9.28 -21.18
N ALA A 620 16.21 -8.09 -20.71
CA ALA A 620 17.20 -7.20 -20.12
C ALA A 620 17.57 -7.65 -18.71
N LYS A 621 16.56 -8.00 -17.91
CA LYS A 621 16.82 -8.50 -16.56
C LYS A 621 17.52 -9.85 -16.58
N GLU A 622 17.22 -10.68 -17.59
CA GLU A 622 17.87 -11.98 -17.70
C GLU A 622 19.34 -11.84 -18.06
N THR A 623 19.65 -11.00 -19.06
CA THR A 623 21.02 -10.84 -19.50
C THR A 623 21.88 -10.18 -18.42
N GLN A 624 21.32 -9.18 -17.72
CA GLN A 624 22.08 -8.49 -16.68
C GLN A 624 22.53 -9.45 -15.59
N ALA A 625 21.67 -10.43 -15.24
CA ALA A 625 22.06 -11.41 -14.23
C ALA A 625 23.20 -12.28 -14.71
N ARG A 626 23.18 -12.68 -15.99
CA ARG A 626 24.26 -13.50 -16.53
C ARG A 626 25.57 -12.74 -16.58
N VAL A 627 25.53 -11.43 -16.84
CA VAL A 627 26.74 -10.61 -16.77
C VAL A 627 27.14 -10.39 -15.32
N LEU A 628 26.17 -10.31 -14.41
CA LEU A 628 26.50 -10.13 -13.00
C LEU A 628 27.14 -11.38 -12.40
N GLU A 629 26.74 -12.56 -12.87
CA GLU A 629 27.34 -13.79 -12.36
C GLU A 629 28.75 -13.97 -12.89
N ALA A 630 28.96 -13.75 -14.19
CA ALA A 630 30.28 -13.94 -14.76
C ALA A 630 31.30 -12.97 -14.17
N LEU A 631 30.84 -11.80 -13.72
CA LEU A 631 31.74 -10.80 -13.16
C LEU A 631 32.01 -11.02 -11.67
N LEU A 632 30.98 -11.36 -10.91
CA LEU A 632 31.12 -11.48 -9.46
C LEU A 632 31.40 -12.92 -9.01
N LYS A 633 30.79 -13.90 -9.68
CA LYS A 633 31.05 -15.30 -9.35
C LYS A 633 32.23 -15.85 -10.13
N ASP A 634 32.16 -15.79 -11.47
CA ASP A 634 33.22 -16.32 -12.30
C ASP A 634 34.40 -15.37 -12.42
N GLY A 635 34.16 -14.06 -12.25
CA GLY A 635 35.22 -13.08 -12.34
C GLY A 635 35.91 -13.06 -13.69
N ASP A 636 35.13 -12.83 -14.75
CA ASP A 636 35.65 -12.90 -16.11
C ASP A 636 34.81 -11.99 -16.99
N VAL A 637 35.45 -10.96 -17.54
CA VAL A 637 34.74 -9.96 -18.31
C VAL A 637 34.51 -10.41 -19.75
N GLU A 638 35.37 -11.30 -20.26
CA GLU A 638 35.28 -11.69 -21.67
C GLU A 638 34.06 -12.55 -21.94
N LYS A 639 33.78 -13.54 -21.08
CA LYS A 639 32.55 -14.29 -21.22
C LYS A 639 31.33 -13.40 -21.00
N ALA A 640 31.42 -12.47 -20.04
CA ALA A 640 30.33 -11.53 -19.81
C ALA A 640 29.95 -10.80 -21.09
N VAL A 641 30.93 -10.47 -21.92
CA VAL A 641 30.64 -9.89 -23.22
C VAL A 641 30.14 -10.96 -24.18
N ARG A 642 30.65 -12.19 -24.06
CA ARG A 642 30.19 -13.29 -24.90
C ARG A 642 28.71 -13.57 -24.67
N ILE A 643 28.25 -13.46 -23.42
CA ILE A 643 26.83 -13.64 -23.12
C ILE A 643 26.01 -12.55 -23.81
N VAL A 644 26.54 -11.32 -23.85
CA VAL A 644 25.79 -10.22 -24.44
C VAL A 644 25.64 -10.41 -25.94
N LYS A 645 26.71 -10.82 -26.62
CA LYS A 645 26.62 -11.03 -28.07
C LYS A 645 25.62 -12.12 -28.41
N GLU A 646 25.61 -13.21 -27.64
CA GLU A 646 24.69 -14.31 -27.90
C GLU A 646 23.24 -13.85 -27.75
N VAL A 647 22.96 -13.05 -26.73
CA VAL A 647 21.61 -12.51 -26.54
C VAL A 647 21.30 -11.48 -27.62
N THR A 648 22.26 -10.57 -27.90
CA THR A 648 22.04 -9.55 -28.92
C THR A 648 21.82 -10.19 -30.29
N GLU A 649 22.65 -11.18 -30.65
CA GLU A 649 22.43 -11.90 -31.91
C GLU A 649 21.12 -12.67 -31.88
N LYS A 650 20.66 -13.06 -30.69
CA LYS A 650 19.39 -13.79 -30.58
C LYS A 650 18.23 -12.86 -30.91
N LEU A 651 18.25 -11.63 -30.40
CA LEU A 651 17.21 -10.66 -30.73
C LEU A 651 17.19 -10.33 -32.21
N SER A 652 18.35 -10.30 -32.85
CA SER A 652 18.41 -9.98 -34.28
C SER A 652 17.79 -11.09 -35.11
N LYS A 653 17.97 -12.34 -34.71
CA LYS A 653 17.42 -13.48 -35.44
C LYS A 653 15.97 -13.77 -35.09
N TYR A 654 15.33 -12.91 -34.29
CA TYR A 654 13.95 -13.09 -33.86
C TYR A 654 13.75 -14.47 -33.23
N GLU A 655 14.45 -14.68 -32.12
CA GLU A 655 14.48 -15.97 -31.44
C GLU A 655 14.03 -15.91 -29.99
N VAL A 656 13.93 -14.71 -29.39
CA VAL A 656 13.49 -14.58 -28.01
C VAL A 656 11.97 -14.51 -27.98
N PRO A 657 11.32 -15.27 -27.10
CA PRO A 657 9.85 -15.22 -27.01
C PRO A 657 9.39 -13.82 -26.63
N PRO A 658 8.27 -13.37 -27.19
CA PRO A 658 7.76 -12.02 -26.86
C PRO A 658 7.35 -11.88 -25.39
N GLU A 659 7.22 -12.98 -24.66
CA GLU A 659 6.92 -12.87 -23.23
C GLU A 659 8.07 -12.26 -22.45
N LYS A 660 9.30 -12.44 -22.94
CA LYS A 660 10.48 -11.87 -22.30
C LYS A 660 10.84 -10.49 -22.84
N LEU A 661 9.91 -9.85 -23.56
CA LEU A 661 10.17 -8.55 -24.17
C LEU A 661 9.06 -7.55 -23.83
N VAL A 662 8.44 -7.71 -22.66
CA VAL A 662 7.34 -6.85 -22.24
C VAL A 662 7.88 -5.81 -21.27
N ILE A 663 7.69 -4.55 -21.59
CA ILE A 663 8.11 -3.43 -20.75
C ILE A 663 6.89 -2.92 -20.01
N HIS A 664 6.97 -2.90 -18.68
CA HIS A 664 5.87 -2.48 -17.84
C HIS A 664 6.15 -1.10 -17.25
N GLU A 665 5.10 -0.27 -17.18
CA GLU A 665 5.20 1.05 -16.61
C GLU A 665 3.82 1.46 -16.09
N GLN A 666 3.80 2.12 -14.93
CA GLN A 666 2.57 2.42 -14.22
C GLN A 666 2.07 3.81 -14.56
N ILE A 667 0.77 3.92 -14.82
CA ILE A 667 0.12 5.20 -14.97
C ILE A 667 -0.12 5.79 -13.58
N THR A 668 0.26 7.07 -13.41
CA THR A 668 0.24 7.69 -12.09
C THR A 668 -0.74 8.86 -11.99
N ARG A 669 -1.60 9.05 -12.97
CA ARG A 669 -2.55 10.17 -12.96
C ARG A 669 -3.57 9.94 -14.08
N ASP A 670 -4.55 10.84 -14.15
CA ASP A 670 -5.50 10.82 -15.24
C ASP A 670 -4.80 11.13 -16.56
N LEU A 671 -5.27 10.48 -17.63
CA LEU A 671 -4.57 10.55 -18.91
C LEU A 671 -4.55 11.96 -19.48
N ARG A 672 -5.57 12.77 -19.18
CA ARG A 672 -5.58 14.14 -19.67
C ARG A 672 -4.58 15.02 -18.94
N ASP A 673 -4.17 14.65 -17.73
CA ASP A 673 -3.23 15.45 -16.96
C ASP A 673 -1.78 15.25 -17.38
N TYR A 674 -1.50 14.32 -18.29
CA TYR A 674 -0.14 14.11 -18.76
C TYR A 674 0.29 15.25 -19.67
N LYS A 675 1.53 15.71 -19.49
CA LYS A 675 2.11 16.76 -20.31
C LYS A 675 3.08 16.22 -21.35
N ALA A 676 3.88 15.21 -20.99
CA ALA A 676 4.77 14.53 -21.92
C ALA A 676 4.27 13.12 -22.15
N THR A 677 4.07 12.76 -23.43
CA THR A 677 3.46 11.50 -23.80
C THR A 677 4.58 10.50 -24.14
N GLY A 678 4.79 9.54 -23.24
CA GLY A 678 5.77 8.50 -23.46
C GLY A 678 5.14 7.26 -24.06
N PRO A 679 5.93 6.17 -24.14
CA PRO A 679 5.38 4.93 -24.72
C PRO A 679 4.22 4.37 -23.91
N HIS A 680 4.38 4.24 -22.59
CA HIS A 680 3.31 3.69 -21.77
C HIS A 680 2.10 4.62 -21.71
N VAL A 681 2.29 5.93 -21.92
CA VAL A 681 1.15 6.83 -21.99
C VAL A 681 0.46 6.72 -23.35
N ALA A 682 1.23 6.58 -24.42
CA ALA A 682 0.65 6.46 -25.75
C ALA A 682 -0.20 5.20 -25.87
N VAL A 683 0.14 4.14 -25.14
CA VAL A 683 -0.69 2.94 -25.13
C VAL A 683 -1.90 3.13 -24.24
N ALA A 684 -1.72 3.76 -23.07
CA ALA A 684 -2.83 3.98 -22.17
C ALA A 684 -3.91 4.85 -22.81
N LYS A 685 -3.50 5.87 -23.56
CA LYS A 685 -4.47 6.73 -24.23
C LYS A 685 -5.25 5.95 -25.29
N ARG A 686 -4.57 5.07 -26.03
CA ARG A 686 -5.23 4.27 -27.05
C ARG A 686 -6.09 3.16 -26.48
N LEU A 687 -6.15 3.00 -25.15
CA LEU A 687 -7.06 2.07 -24.52
C LEU A 687 -8.35 2.75 -24.05
N ALA A 688 -8.23 3.92 -23.43
CA ALA A 688 -9.42 4.70 -23.08
C ALA A 688 -10.13 5.23 -24.32
N ALA A 689 -9.43 5.31 -25.46
CA ALA A 689 -10.06 5.78 -26.69
C ALA A 689 -11.04 4.77 -27.24
N ARG A 690 -10.85 3.47 -26.94
CA ARG A 690 -11.71 2.41 -27.46
C ARG A 690 -12.42 1.65 -26.34
N GLY A 691 -12.55 2.24 -25.16
CA GLY A 691 -13.41 1.75 -24.11
C GLY A 691 -12.67 1.22 -22.88
N VAL A 692 -11.43 0.75 -23.04
CA VAL A 692 -10.71 0.14 -21.94
C VAL A 692 -10.45 1.18 -20.86
N LYS A 693 -10.97 0.93 -19.66
CA LYS A 693 -10.84 1.88 -18.56
C LYS A 693 -9.39 1.91 -18.06
N ILE A 694 -8.86 3.12 -17.86
CA ILE A 694 -7.51 3.31 -17.34
C ILE A 694 -7.60 4.27 -16.16
N ARG A 695 -7.31 3.76 -14.97
CA ARG A 695 -7.26 4.56 -13.76
C ARG A 695 -5.83 4.69 -13.26
N PRO A 696 -5.54 5.71 -12.45
CA PRO A 696 -4.19 5.83 -11.88
C PRO A 696 -3.79 4.58 -11.11
N GLY A 697 -2.55 4.15 -11.33
CA GLY A 697 -2.04 2.92 -10.76
C GLY A 697 -2.03 1.75 -11.72
N THR A 698 -2.63 1.90 -12.90
CA THR A 698 -2.67 0.82 -13.88
C THR A 698 -1.29 0.63 -14.50
N VAL A 699 -0.85 -0.63 -14.57
CA VAL A 699 0.45 -0.97 -15.13
C VAL A 699 0.27 -1.27 -16.62
N ILE A 700 0.89 -0.44 -17.46
CA ILE A 700 0.83 -0.64 -18.90
C ILE A 700 1.91 -1.63 -19.30
N SER A 701 1.50 -2.74 -19.90
CA SER A 701 2.42 -3.78 -20.37
C SER A 701 2.40 -3.76 -21.89
N TYR A 702 3.47 -3.26 -22.50
CA TYR A 702 3.55 -3.09 -23.94
C TYR A 702 4.76 -3.83 -24.50
N ILE A 703 4.76 -3.96 -25.82
CA ILE A 703 5.91 -4.45 -26.57
C ILE A 703 6.14 -3.49 -27.74
N VAL A 704 7.40 -3.29 -28.09
CA VAL A 704 7.79 -2.35 -29.13
C VAL A 704 7.97 -3.10 -30.43
N LEU A 705 7.17 -2.75 -31.44
CA LEU A 705 7.22 -3.40 -32.73
C LEU A 705 8.21 -2.68 -33.65
N LYS A 706 8.48 -3.30 -34.80
CA LYS A 706 9.51 -2.79 -35.68
C LYS A 706 9.01 -1.55 -36.43
N GLY A 707 9.84 -0.52 -36.45
CA GLY A 707 9.50 0.72 -37.11
C GLY A 707 10.56 1.77 -36.85
N SER A 708 10.22 3.01 -37.19
CA SER A 708 11.12 4.14 -37.00
C SER A 708 10.33 5.31 -36.46
N GLY A 709 11.00 6.12 -35.64
CA GLY A 709 10.37 7.28 -35.02
C GLY A 709 10.24 7.16 -33.52
N ARG A 710 9.10 7.57 -32.99
CA ARG A 710 8.88 7.47 -31.55
C ARG A 710 8.66 6.02 -31.14
N ILE A 711 9.25 5.65 -29.99
CA ILE A 711 9.09 4.29 -29.49
C ILE A 711 7.63 4.02 -29.14
N GLY A 712 6.95 5.02 -28.57
CA GLY A 712 5.54 4.88 -28.27
C GLY A 712 4.66 4.82 -29.50
N ASP A 713 5.16 5.26 -30.65
CA ASP A 713 4.36 5.20 -31.87
C ASP A 713 4.16 3.76 -32.34
N ARG A 714 5.14 2.89 -32.09
CA ARG A 714 5.04 1.49 -32.49
C ARG A 714 4.95 0.56 -31.29
N ALA A 715 4.38 1.05 -30.19
CA ALA A 715 4.20 0.26 -28.98
C ALA A 715 2.74 -0.13 -28.84
N ILE A 716 2.48 -1.43 -28.66
CA ILE A 716 1.14 -1.94 -28.48
C ILE A 716 1.10 -2.77 -27.21
N SER A 717 -0.08 -2.86 -26.60
CA SER A 717 -0.25 -3.68 -25.41
C SER A 717 0.02 -5.14 -25.73
N PHE A 718 0.66 -5.84 -24.79
CA PHE A 718 1.08 -7.21 -25.04
C PHE A 718 -0.11 -8.14 -25.24
N ASP A 719 -1.25 -7.84 -24.60
CA ASP A 719 -2.44 -8.66 -24.82
C ASP A 719 -2.92 -8.57 -26.27
N GLU A 720 -2.62 -7.46 -26.95
CA GLU A 720 -2.95 -7.28 -28.35
C GLU A 720 -1.91 -7.90 -29.29
N PHE A 721 -0.77 -8.34 -28.77
CA PHE A 721 0.29 -8.87 -29.60
C PHE A 721 -0.02 -10.28 -30.07
N ASP A 722 0.06 -10.49 -31.38
CA ASP A 722 -0.07 -11.80 -32.01
C ASP A 722 1.19 -12.04 -32.83
N PRO A 723 1.96 -13.09 -32.55
CA PRO A 723 3.25 -13.26 -33.26
C PRO A 723 3.11 -13.43 -34.77
N ALA A 724 1.97 -13.95 -35.24
CA ALA A 724 1.78 -14.10 -36.68
C ALA A 724 1.57 -12.78 -37.40
N LYS A 725 1.10 -11.75 -36.69
CA LYS A 725 0.79 -10.46 -37.30
C LYS A 725 1.78 -9.36 -36.93
N HIS A 726 2.31 -9.37 -35.71
CA HIS A 726 3.24 -8.35 -35.26
C HIS A 726 4.65 -8.92 -35.15
N LYS A 727 5.64 -8.13 -35.58
CA LYS A 727 7.06 -8.44 -35.42
C LYS A 727 7.67 -7.37 -34.53
N TYR A 728 8.34 -7.79 -33.46
CA TYR A 728 8.85 -6.83 -32.50
C TYR A 728 10.09 -6.12 -33.04
N ASP A 729 10.44 -5.01 -32.39
CA ASP A 729 11.59 -4.20 -32.77
C ASP A 729 12.85 -4.88 -32.27
N ALA A 730 13.58 -5.54 -33.18
CA ALA A 730 14.81 -6.20 -32.79
C ALA A 730 15.88 -5.19 -32.42
N GLU A 731 15.95 -4.06 -33.13
CA GLU A 731 17.01 -3.08 -32.88
C GLU A 731 16.78 -2.34 -31.57
N TYR A 732 15.54 -1.96 -31.27
CA TYR A 732 15.26 -1.20 -30.06
C TYR A 732 15.61 -2.02 -28.81
N TYR A 733 15.05 -3.22 -28.70
CA TYR A 733 15.32 -4.06 -27.54
C TYR A 733 16.78 -4.45 -27.45
N ILE A 734 17.53 -4.32 -28.53
CA ILE A 734 18.98 -4.44 -28.49
C ILE A 734 19.53 -3.13 -27.93
N GLU A 735 19.58 -2.09 -28.78
CA GLU A 735 20.30 -0.86 -28.45
C GLU A 735 19.77 -0.15 -27.21
N ASN A 736 18.51 -0.37 -26.82
CA ASN A 736 17.91 0.40 -25.73
C ASN A 736 17.62 -0.42 -24.48
N GLN A 737 17.48 -1.74 -24.59
CA GLN A 737 17.09 -2.57 -23.45
C GLN A 737 18.22 -3.43 -22.90
N VAL A 738 19.06 -4.00 -23.76
CA VAL A 738 20.08 -4.95 -23.34
C VAL A 738 21.42 -4.29 -23.11
N LEU A 739 21.91 -3.49 -24.07
CA LEU A 739 23.25 -2.91 -23.92
C LEU A 739 23.33 -1.87 -22.81
N PRO A 740 22.44 -0.87 -22.73
CA PRO A 740 22.65 0.22 -21.74
C PRO A 740 22.83 -0.29 -20.32
N PRO A 741 21.98 -1.21 -19.83
CA PRO A 741 22.19 -1.66 -18.43
C PRO A 741 23.48 -2.43 -18.24
N VAL A 742 23.94 -3.16 -19.25
CA VAL A 742 25.19 -3.92 -19.14
C VAL A 742 26.39 -3.04 -19.46
N GLU A 743 26.27 -2.15 -20.44
CA GLU A 743 27.37 -1.25 -20.78
C GLU A 743 27.71 -0.34 -19.61
N ARG A 744 26.72 0.05 -18.82
CA ARG A 744 26.99 0.85 -17.63
C ARG A 744 27.77 0.05 -16.59
N ILE A 745 27.54 -1.26 -16.52
CA ILE A 745 28.28 -2.10 -15.59
C ILE A 745 29.68 -2.39 -16.13
N LEU A 746 29.80 -2.64 -17.43
CA LEU A 746 31.08 -2.98 -18.04
C LEU A 746 32.06 -1.82 -18.10
N ARG A 747 31.67 -0.63 -17.61
CA ARG A 747 32.60 0.48 -17.54
C ARG A 747 33.73 0.21 -16.55
N ALA A 748 33.50 -0.68 -15.58
CA ALA A 748 34.54 -1.04 -14.61
C ALA A 748 35.54 -2.02 -15.21
P YTI C 12 18.74 0.43 0.94
O1P YTI C 12 20.16 0.67 1.34
O2P YTI C 12 18.10 -0.86 1.34
C4' YTI C 12 18.69 3.77 1.61
O4' YTI C 12 17.51 4.53 1.32
C3' YTI C 12 18.22 2.65 2.62
O3' YTI C 12 17.67 1.60 2.08
C2' YTI C 12 17.12 3.45 3.44
C1' YTI C 12 16.67 4.52 2.40
N1 YTI C 12 15.16 4.24 1.90
C2 YTI C 12 14.31 5.38 1.79
O2 YTI C 12 14.67 6.52 2.06
N3 YTI C 12 12.96 5.13 1.33
C4 YTI C 12 12.52 3.80 1.00
O4 YTI C 12 11.35 3.66 0.62
C5 YTI C 12 13.47 2.64 1.14
C6 YTI C 12 14.75 2.93 1.58
C5M YTI C 12 12.92 1.23 0.78
N1 9O7 D . 9.10 6.32 3.94
C2 9O7 D . 9.73 7.12 4.89
N3 9O7 D . 10.90 6.83 5.54
C4 9O7 D . 11.48 5.61 5.17
C5 9O7 D . 10.93 4.73 4.20
C6 9O7 D . 9.69 5.12 3.57
N6 9O7 D . 9.06 4.32 2.59
N7 9O7 D . 11.75 3.59 4.05
C8 9O7 D . 12.80 3.76 4.90
N9 9O7 D . 12.66 4.99 5.60
PA 9O7 D . 15.47 1.15 6.17
PB 9O7 D . 14.59 0.74 9.01
PG 9O7 D . 15.71 -2.05 9.58
C1' 9O7 D . 13.70 5.37 6.59
O1A 9O7 D . 16.56 0.86 5.17
O1B 9O7 D . 13.31 0.99 8.26
C2' 9O7 D . 14.18 4.18 7.50
O2' 9O7 D . 14.30 4.63 8.84
O2A 9O7 D . 14.06 1.07 5.68
O2B 9O7 D . 15.22 1.95 9.66
O2G 9O7 D . 17.06 -1.50 9.14
C3' 9O7 D . 15.61 3.87 6.94
O3' 9O7 D . 15.47 3.00 5.94
O3A 9O7 D . 15.77 0.80 7.65
O3B 9O7 D . 14.65 -0.58 9.80
O3G 9O7 D . 15.83 -2.88 10.85
C4' 9O7 D . 15.97 5.34 6.46
O4' 9O7 D . 14.80 5.85 5.87
O1G 9O7 D . 14.95 -2.77 8.48
MG MG E . 17.70 0.71 8.62
N1 EPE F . 11.30 5.52 -16.92
C2 EPE F . 10.64 6.79 -16.48
C3 EPE F . 9.75 7.36 -17.60
N4 EPE F . 10.58 7.63 -18.80
C5 EPE F . 11.16 6.33 -19.26
C6 EPE F . 12.09 5.81 -18.16
C7 EPE F . 9.80 8.19 -19.94
C8 EPE F . 8.32 7.74 -19.98
O8 EPE F . 7.55 8.75 -19.46
C9 EPE F . 12.28 5.06 -15.87
C10 EPE F . 13.03 3.80 -16.29
S EPE F . 14.76 3.94 -15.81
O1S EPE F . 15.32 4.76 -16.84
O2S EPE F . 15.23 2.59 -15.82
O3S EPE F . 14.73 4.55 -14.52
#